data_5A1K
#
_entry.id   5A1K
#
_cell.length_a   135.410
_cell.length_b   65.250
_cell.length_c   105.190
_cell.angle_alpha   90.00
_cell.angle_beta   118.27
_cell.angle_gamma   90.00
#
_symmetry.space_group_name_H-M   'C 1 2 1'
#
loop_
_entity.id
_entity.type
_entity.pdbx_description
1 polymer ADSEVERIN
2 water water
#
_entity_poly.entity_id   1
_entity_poly.type   'polypeptide(L)'
_entity_poly.pdbx_seq_one_letter_code
;YHEEFARAGKQAGLQVWRIEKLELVPVPQSAHGDFYVGDAYLVLHTAKTSRGFTYRLHFWLGKECSQDESTAAAIFTVQM
DDYLGGKPVQNRELQGYESNDFVSYFKGGLKYKAGGVASGLNHVLTNDLTAKRLLHVKGRRVVRATEVPLSWDSFNKGDC
FIIDLGTEIYQWCGSSCNKYERLKANQVATGIRYNERKGRSELIVVEEGSEPSELIKVLGEKPELPDGGDDDDIIADISN
RKMAKLYMVSDASGSMRVTVVAEENPFSMAMLLSEECFILDHGAAKQIFVWKGKDANPQERKAAMKTAEEFLQQMNYSKN
TQIQVLPEGGETPIFKQFFKDWRD
;
_entity_poly.pdbx_strand_id   A,B
#
# COMPACT_ATOMS: atom_id res chain seq x y z
N TYR A 1 11.44 10.42 -31.55
CA TYR A 1 11.81 9.46 -32.59
C TYR A 1 10.72 8.49 -32.91
N HIS A 2 10.03 7.94 -31.88
CA HIS A 2 8.91 7.03 -32.13
C HIS A 2 7.89 7.82 -32.91
N GLU A 3 7.44 7.22 -34.02
CA GLU A 3 6.51 7.80 -34.98
C GLU A 3 5.46 8.73 -34.38
N GLU A 4 4.66 8.25 -33.43
CA GLU A 4 3.56 8.98 -32.80
C GLU A 4 3.92 10.32 -32.21
N PHE A 5 5.14 10.53 -31.67
CA PHE A 5 5.54 11.83 -31.12
C PHE A 5 5.26 12.95 -32.14
N ALA A 6 5.46 12.64 -33.45
CA ALA A 6 5.16 13.55 -34.57
C ALA A 6 3.68 13.92 -34.65
N ARG A 7 2.78 13.00 -34.24
CA ARG A 7 1.33 13.21 -34.20
C ARG A 7 0.92 14.01 -32.94
N ALA A 8 1.65 13.79 -31.81
CA ALA A 8 1.43 14.40 -30.50
C ALA A 8 1.46 15.93 -30.44
N GLY A 9 0.45 16.48 -29.75
CA GLY A 9 0.26 17.89 -29.47
C GLY A 9 0.10 18.85 -30.63
N LYS A 10 -0.21 18.34 -31.84
CA LYS A 10 -0.36 19.15 -33.05
C LYS A 10 -1.60 20.05 -33.02
N GLN A 11 -2.73 19.54 -32.50
CA GLN A 11 -3.97 20.32 -32.37
C GLN A 11 -4.69 20.01 -31.06
N ALA A 12 -5.55 20.96 -30.61
CA ALA A 12 -6.34 20.87 -29.38
C ALA A 12 -7.19 19.60 -29.30
N GLY A 13 -7.31 19.07 -28.09
CA GLY A 13 -8.07 17.86 -27.81
C GLY A 13 -7.29 16.84 -27.02
N LEU A 14 -7.85 15.63 -26.88
CA LEU A 14 -7.25 14.54 -26.13
C LEU A 14 -6.69 13.45 -27.02
N GLN A 15 -5.45 13.02 -26.71
CA GLN A 15 -4.76 11.95 -27.42
C GLN A 15 -4.35 10.88 -26.42
N VAL A 16 -4.83 9.65 -26.65
CA VAL A 16 -4.55 8.52 -25.78
C VAL A 16 -3.73 7.49 -26.54
N TRP A 17 -2.63 7.04 -25.91
CA TRP A 17 -1.73 6.03 -26.44
C TRP A 17 -1.56 4.94 -25.39
N ARG A 18 -1.35 3.71 -25.85
CA ARG A 18 -1.15 2.56 -24.98
C ARG A 18 0.26 2.03 -25.26
N ILE A 19 1.06 1.83 -24.20
CA ILE A 19 2.42 1.31 -24.34
C ILE A 19 2.30 -0.18 -24.65
N GLU A 20 2.51 -0.54 -25.92
CA GLU A 20 2.43 -1.92 -26.40
C GLU A 20 3.83 -2.39 -26.72
N LYS A 21 4.40 -3.25 -25.84
CA LYS A 21 5.74 -3.81 -25.98
C LYS A 21 6.76 -2.71 -26.40
N LEU A 22 6.88 -1.67 -25.54
CA LEU A 22 7.77 -0.51 -25.67
C LEU A 22 7.50 0.36 -26.93
N GLU A 23 6.22 0.41 -27.38
CA GLU A 23 5.82 1.21 -28.54
C GLU A 23 4.49 1.96 -28.30
N LEU A 24 4.43 3.22 -28.78
CA LEU A 24 3.24 4.05 -28.63
C LEU A 24 2.22 3.75 -29.72
N VAL A 25 1.07 3.19 -29.31
CA VAL A 25 -0.02 2.86 -30.24
C VAL A 25 -1.25 3.68 -29.85
N PRO A 26 -1.79 4.50 -30.79
CA PRO A 26 -2.97 5.31 -30.46
C PRO A 26 -4.19 4.48 -30.09
N VAL A 27 -5.00 5.02 -29.17
CA VAL A 27 -6.24 4.41 -28.71
C VAL A 27 -7.38 5.21 -29.37
N PRO A 28 -8.24 4.55 -30.19
CA PRO A 28 -9.33 5.29 -30.87
C PRO A 28 -10.26 6.06 -29.95
N GLN A 29 -10.82 7.18 -30.46
CA GLN A 29 -11.71 8.09 -29.73
C GLN A 29 -12.90 7.40 -29.04
N SER A 30 -13.49 6.38 -29.70
CA SER A 30 -14.61 5.59 -29.17
C SER A 30 -14.18 4.78 -27.96
N ALA A 31 -12.92 4.29 -27.95
CA ALA A 31 -12.34 3.50 -26.87
C ALA A 31 -11.89 4.33 -25.67
N HIS A 32 -11.79 5.68 -25.81
CA HIS A 32 -11.38 6.61 -24.73
C HIS A 32 -12.16 6.37 -23.44
N GLY A 33 -11.43 6.13 -22.35
CA GLY A 33 -11.99 5.83 -21.05
C GLY A 33 -11.78 4.38 -20.67
N ASP A 34 -11.51 3.52 -21.67
CA ASP A 34 -11.25 2.09 -21.48
C ASP A 34 -9.74 1.90 -21.33
N PHE A 35 -9.35 1.28 -20.22
CA PHE A 35 -7.94 1.02 -19.91
C PHE A 35 -7.78 -0.41 -19.43
N TYR A 36 -6.82 -1.14 -20.03
CA TYR A 36 -6.53 -2.51 -19.64
C TYR A 36 -5.77 -2.53 -18.33
N VAL A 37 -6.29 -3.31 -17.37
CA VAL A 37 -5.82 -3.48 -16.00
C VAL A 37 -4.34 -3.90 -15.90
N GLY A 38 -3.80 -4.53 -16.94
CA GLY A 38 -2.41 -4.97 -16.98
C GLY A 38 -1.54 -4.17 -17.93
N ASP A 39 -1.96 -2.94 -18.28
CA ASP A 39 -1.24 -2.07 -19.21
C ASP A 39 -0.95 -0.67 -18.68
N ALA A 40 -0.04 0.03 -19.38
CA ALA A 40 0.37 1.41 -19.11
C ALA A 40 -0.04 2.28 -20.30
N TYR A 41 -0.62 3.46 -20.02
CA TYR A 41 -1.11 4.38 -21.04
C TYR A 41 -0.48 5.76 -20.92
N LEU A 42 -0.52 6.53 -22.01
CA LEU A 42 -0.04 7.89 -22.09
C LEU A 42 -1.20 8.74 -22.62
N VAL A 43 -1.67 9.67 -21.79
CA VAL A 43 -2.79 10.55 -22.10
C VAL A 43 -2.27 11.98 -22.20
N LEU A 44 -2.47 12.61 -23.36
CA LEU A 44 -2.03 13.97 -23.60
C LEU A 44 -3.22 14.85 -23.94
N HIS A 45 -3.40 15.93 -23.16
CA HIS A 45 -4.46 16.89 -23.40
C HIS A 45 -3.86 18.17 -23.90
N THR A 46 -4.30 18.60 -25.08
CA THR A 46 -3.82 19.81 -25.73
C THR A 46 -4.89 20.89 -25.63
N ALA A 47 -4.49 22.08 -25.19
CA ALA A 47 -5.38 23.22 -25.09
C ALA A 47 -4.86 24.34 -25.94
N LYS A 48 -5.72 24.93 -26.77
CA LYS A 48 -5.33 26.05 -27.59
C LYS A 48 -5.63 27.30 -26.73
N THR A 49 -4.72 28.26 -26.76
CA THR A 49 -4.87 29.54 -26.10
C THR A 49 -4.51 30.57 -27.15
N SER A 50 -4.66 31.88 -26.86
CA SER A 50 -4.20 32.91 -27.78
C SER A 50 -2.71 32.68 -27.83
N ARG A 51 -2.23 32.25 -29.04
CA ARG A 51 -0.86 31.81 -29.31
C ARG A 51 -0.87 30.47 -28.66
N GLY A 52 -0.21 30.37 -27.50
CA GLY A 52 -0.02 29.19 -26.66
C GLY A 52 -0.78 27.89 -26.90
N PHE A 53 -0.09 26.84 -26.52
CA PHE A 53 -0.57 25.48 -26.54
C PHE A 53 -0.26 24.92 -25.18
N THR A 54 -1.29 24.59 -24.40
CA THR A 54 -1.06 24.11 -23.05
C THR A 54 -1.25 22.62 -22.98
N TYR A 55 -0.28 21.94 -22.36
CA TYR A 55 -0.25 20.49 -22.28
C TYR A 55 -0.44 19.91 -20.92
N ARG A 56 -1.34 18.93 -20.85
CA ARG A 56 -1.59 18.16 -19.65
C ARG A 56 -1.27 16.71 -20.00
N LEU A 57 -0.05 16.30 -19.66
CA LEU A 57 0.52 14.98 -19.92
C LEU A 57 0.32 14.08 -18.71
N HIS A 58 -0.29 12.91 -18.94
CA HIS A 58 -0.60 11.92 -17.91
C HIS A 58 -0.12 10.55 -18.32
N PHE A 59 0.37 9.77 -17.33
CA PHE A 59 0.74 8.39 -17.58
C PHE A 59 0.01 7.52 -16.57
N TRP A 60 -0.92 6.73 -17.08
CA TRP A 60 -1.79 5.87 -16.31
C TRP A 60 -1.17 4.48 -16.15
N LEU A 61 -1.14 3.96 -14.91
CA LEU A 61 -0.59 2.64 -14.61
C LEU A 61 -1.67 1.67 -14.17
N GLY A 62 -1.70 0.52 -14.82
CA GLY A 62 -2.63 -0.56 -14.50
C GLY A 62 -2.24 -1.29 -13.25
N LYS A 63 -3.23 -1.84 -12.53
CA LYS A 63 -3.02 -2.60 -11.29
C LYS A 63 -2.17 -3.84 -11.49
N GLU A 64 -2.30 -4.48 -12.67
CA GLU A 64 -1.60 -5.72 -13.02
C GLU A 64 -0.38 -5.54 -13.93
N CYS A 65 -0.03 -4.28 -14.32
CA CYS A 65 1.16 -4.06 -15.15
C CYS A 65 2.44 -4.20 -14.32
N SER A 66 3.46 -4.83 -14.91
CA SER A 66 4.74 -5.10 -14.28
C SER A 66 5.55 -3.85 -13.94
N GLN A 67 6.59 -4.03 -13.09
CA GLN A 67 7.54 -3.00 -12.66
C GLN A 67 8.24 -2.38 -13.88
N ASP A 68 8.62 -3.24 -14.85
CA ASP A 68 9.25 -2.82 -16.11
C ASP A 68 8.25 -2.19 -17.08
N GLU A 69 6.96 -2.61 -17.01
CA GLU A 69 5.86 -2.06 -17.83
C GLU A 69 5.58 -0.62 -17.36
N SER A 70 5.73 -0.38 -16.04
CA SER A 70 5.55 0.92 -15.38
C SER A 70 6.71 1.86 -15.73
N THR A 71 7.94 1.31 -15.79
CA THR A 71 9.18 2.03 -16.10
C THR A 71 9.13 2.62 -17.52
N ALA A 72 8.65 1.82 -18.50
CA ALA A 72 8.49 2.23 -19.90
C ALA A 72 7.59 3.47 -20.01
N ALA A 73 6.48 3.50 -19.24
CA ALA A 73 5.54 4.62 -19.20
C ALA A 73 6.23 5.90 -18.72
N ALA A 74 7.02 5.80 -17.62
CA ALA A 74 7.79 6.91 -17.03
C ALA A 74 8.80 7.50 -18.02
N ILE A 75 9.54 6.63 -18.76
CA ILE A 75 10.53 7.02 -19.77
C ILE A 75 9.81 7.76 -20.90
N PHE A 76 8.75 7.14 -21.47
CA PHE A 76 7.94 7.71 -22.54
C PHE A 76 7.41 9.10 -22.19
N THR A 77 7.00 9.30 -20.92
CA THR A 77 6.50 10.58 -20.39
C THR A 77 7.64 11.62 -20.38
N VAL A 78 8.87 11.20 -19.98
CA VAL A 78 10.07 12.04 -19.96
C VAL A 78 10.46 12.44 -21.38
N GLN A 79 10.44 11.48 -22.32
CA GLN A 79 10.77 11.68 -23.75
C GLN A 79 9.76 12.60 -24.41
N MET A 80 8.45 12.37 -24.14
CA MET A 80 7.32 13.18 -24.63
C MET A 80 7.43 14.61 -24.10
N ASP A 81 7.81 14.75 -22.82
CA ASP A 81 7.98 16.03 -22.13
C ASP A 81 9.05 16.89 -22.79
N ASP A 82 10.29 16.34 -22.97
CA ASP A 82 11.37 17.10 -23.61
C ASP A 82 11.14 17.26 -25.10
N TYR A 83 10.33 16.36 -25.73
CA TYR A 83 9.93 16.46 -27.14
C TYR A 83 9.05 17.70 -27.26
N LEU A 84 8.22 17.94 -26.22
CA LEU A 84 7.33 19.10 -26.12
C LEU A 84 8.01 20.30 -25.40
N GLY A 85 9.34 20.19 -25.22
CA GLY A 85 10.22 21.20 -24.66
C GLY A 85 10.05 21.58 -23.20
N GLY A 86 9.62 20.63 -22.37
CA GLY A 86 9.42 20.86 -20.94
C GLY A 86 8.29 21.81 -20.60
N LYS A 87 7.43 22.09 -21.59
CA LYS A 87 6.25 22.94 -21.50
C LYS A 87 5.07 22.19 -20.81
N PRO A 88 4.87 20.86 -21.04
CA PRO A 88 3.74 20.17 -20.39
C PRO A 88 3.82 19.96 -18.88
N VAL A 89 2.66 19.64 -18.30
CA VAL A 89 2.44 19.32 -16.88
C VAL A 89 2.28 17.80 -16.82
N GLN A 90 3.13 17.12 -16.04
CA GLN A 90 3.09 15.65 -15.94
C GLN A 90 2.38 15.15 -14.71
N ASN A 91 1.63 14.04 -14.86
CA ASN A 91 0.88 13.43 -13.75
C ASN A 91 1.02 11.92 -13.77
N ARG A 92 1.25 11.33 -12.58
CA ARG A 92 1.30 9.88 -12.44
C ARG A 92 -0.09 9.46 -12.05
N GLU A 93 -0.76 8.73 -12.95
CA GLU A 93 -2.11 8.27 -12.69
C GLU A 93 -2.11 6.81 -12.32
N LEU A 94 -2.77 6.50 -11.21
CA LEU A 94 -2.87 5.15 -10.67
C LEU A 94 -4.33 4.72 -10.72
N GLN A 95 -4.56 3.46 -11.13
CA GLN A 95 -5.88 2.86 -11.26
C GLN A 95 -6.65 2.89 -9.94
N GLY A 96 -7.81 3.55 -9.96
CA GLY A 96 -8.68 3.71 -8.81
C GLY A 96 -8.28 4.88 -7.92
N TYR A 97 -7.19 5.60 -8.30
CA TYR A 97 -6.64 6.74 -7.54
C TYR A 97 -6.30 7.94 -8.44
N GLU A 98 -6.74 7.93 -9.71
CA GLU A 98 -6.45 9.00 -10.68
C GLU A 98 -7.08 10.34 -10.30
N SER A 99 -6.40 11.43 -10.69
CA SER A 99 -6.76 12.83 -10.41
C SER A 99 -8.06 13.26 -11.09
N ASN A 100 -8.68 14.34 -10.56
CA ASN A 100 -9.92 14.94 -11.07
C ASN A 100 -9.79 15.38 -12.52
N ASP A 101 -8.65 16.04 -12.88
CA ASP A 101 -8.34 16.53 -14.22
C ASP A 101 -8.31 15.39 -15.25
N PHE A 102 -7.67 14.25 -14.90
CA PHE A 102 -7.59 13.06 -15.74
C PHE A 102 -8.97 12.45 -15.89
N VAL A 103 -9.70 12.31 -14.77
CA VAL A 103 -11.06 11.78 -14.65
C VAL A 103 -12.06 12.58 -15.53
N SER A 104 -11.89 13.92 -15.56
CA SER A 104 -12.72 14.86 -16.32
C SER A 104 -12.58 14.77 -17.84
N TYR A 105 -11.60 14.01 -18.35
CA TYR A 105 -11.41 13.87 -19.80
C TYR A 105 -12.40 12.89 -20.40
N PHE A 106 -12.87 11.94 -19.58
CA PHE A 106 -13.78 10.86 -19.97
C PHE A 106 -15.11 11.05 -19.23
N LYS A 107 -16.14 11.52 -19.98
CA LYS A 107 -17.48 11.82 -19.46
C LYS A 107 -18.28 10.58 -19.07
N GLY A 108 -18.14 9.50 -19.85
CA GLY A 108 -18.83 8.24 -19.60
C GLY A 108 -18.28 7.48 -18.40
N GLY A 109 -17.15 7.96 -17.88
CA GLY A 109 -16.46 7.37 -16.75
C GLY A 109 -15.27 6.53 -17.19
N LEU A 110 -14.78 5.66 -16.29
CA LEU A 110 -13.64 4.79 -16.60
C LEU A 110 -14.01 3.33 -16.64
N LYS A 111 -13.46 2.62 -17.63
CA LYS A 111 -13.67 1.19 -17.81
C LYS A 111 -12.33 0.48 -17.61
N TYR A 112 -12.26 -0.38 -16.58
CA TYR A 112 -11.05 -1.15 -16.30
C TYR A 112 -11.25 -2.54 -16.86
N LYS A 113 -10.62 -2.81 -18.01
CA LYS A 113 -10.72 -4.08 -18.72
C LYS A 113 -9.67 -5.07 -18.25
N ALA A 114 -10.08 -6.31 -17.91
CA ALA A 114 -9.15 -7.36 -17.49
C ALA A 114 -8.29 -7.81 -18.68
N GLY A 115 -7.06 -8.20 -18.39
CA GLY A 115 -6.09 -8.61 -19.39
C GLY A 115 -5.23 -7.45 -19.84
N GLY A 116 -4.84 -7.45 -21.12
CA GLY A 116 -4.03 -6.41 -21.71
C GLY A 116 -3.30 -6.86 -22.96
N VAL A 117 -2.04 -6.41 -23.14
CA VAL A 117 -1.21 -6.80 -24.29
C VAL A 117 -0.81 -8.28 -24.19
N ALA A 118 -0.62 -8.78 -22.95
CA ALA A 118 -0.26 -10.17 -22.65
C ALA A 118 -1.39 -11.14 -23.00
N SER A 119 -2.65 -10.70 -22.92
CA SER A 119 -3.82 -11.50 -23.27
C SER A 119 -4.20 -11.34 -24.74
N GLY A 120 -3.42 -10.54 -25.45
CA GLY A 120 -3.64 -10.27 -26.86
C GLY A 120 -4.79 -9.36 -27.16
N LEU A 121 -5.18 -8.57 -26.17
CA LEU A 121 -6.33 -7.71 -26.27
C LEU A 121 -6.01 -6.36 -26.87
N ASN A 122 -6.99 -5.87 -27.64
CA ASN A 122 -6.90 -4.65 -28.42
C ASN A 122 -8.04 -3.69 -28.14
N HIS A 123 -7.80 -2.41 -28.45
CA HIS A 123 -8.81 -1.35 -28.38
C HIS A 123 -9.47 -1.21 -29.75
N VAL A 124 -9.05 -2.05 -30.73
CA VAL A 124 -9.61 -2.07 -32.08
C VAL A 124 -11.11 -2.32 -31.98
N LEU A 125 -11.87 -1.33 -32.40
CA LEU A 125 -13.32 -1.29 -32.38
C LEU A 125 -13.89 -2.37 -33.27
N THR A 126 -14.90 -3.06 -32.73
CA THR A 126 -15.56 -4.14 -33.41
C THR A 126 -17.04 -4.04 -33.14
N ASN A 127 -17.85 -4.50 -34.12
CA ASN A 127 -19.29 -4.60 -33.95
C ASN A 127 -19.41 -5.50 -32.73
N ASP A 128 -18.57 -6.56 -32.69
CA ASP A 128 -18.37 -7.58 -31.67
C ASP A 128 -19.57 -8.51 -31.67
N LEU A 129 -20.40 -8.44 -30.60
CA LEU A 129 -21.63 -9.21 -30.33
C LEU A 129 -21.30 -10.59 -29.77
N THR A 130 -20.01 -10.95 -29.60
CA THR A 130 -19.71 -12.27 -29.10
C THR A 130 -19.27 -12.16 -27.64
N ALA A 131 -19.07 -10.93 -27.09
CA ALA A 131 -18.64 -10.62 -25.72
C ALA A 131 -19.41 -11.31 -24.60
N LYS A 132 -18.68 -11.77 -23.57
CA LYS A 132 -19.20 -12.35 -22.33
C LYS A 132 -18.32 -11.89 -21.23
N ARG A 133 -18.82 -10.93 -20.45
CA ARG A 133 -18.07 -10.31 -19.37
C ARG A 133 -18.99 -9.72 -18.30
N LEU A 134 -18.39 -9.35 -17.17
CA LEU A 134 -19.12 -8.74 -16.07
C LEU A 134 -18.40 -7.49 -15.59
N LEU A 135 -19.16 -6.39 -15.48
CA LEU A 135 -18.65 -5.10 -15.04
C LEU A 135 -19.27 -4.69 -13.71
N HIS A 136 -18.42 -4.41 -12.71
CA HIS A 136 -18.87 -3.95 -11.41
C HIS A 136 -18.85 -2.42 -11.46
N VAL A 137 -20.04 -1.80 -11.34
CA VAL A 137 -20.19 -0.35 -11.39
C VAL A 137 -20.22 0.19 -9.96
N LYS A 138 -19.27 1.07 -9.63
CA LYS A 138 -19.12 1.69 -8.31
C LYS A 138 -18.69 3.15 -8.47
N GLY A 139 -18.98 3.95 -7.45
CA GLY A 139 -18.62 5.36 -7.42
C GLY A 139 -19.79 6.27 -7.70
N ARG A 140 -19.89 7.33 -6.90
CA ARG A 140 -20.94 8.33 -6.99
C ARG A 140 -20.41 9.54 -7.79
N ARG A 141 -19.20 10.06 -7.41
CA ARG A 141 -18.56 11.19 -8.09
C ARG A 141 -18.03 10.79 -9.44
N VAL A 142 -17.24 9.72 -9.45
CA VAL A 142 -16.60 9.15 -10.63
C VAL A 142 -17.14 7.75 -10.88
N VAL A 143 -17.67 7.53 -12.08
CA VAL A 143 -18.21 6.23 -12.47
C VAL A 143 -17.08 5.34 -12.94
N ARG A 144 -16.83 4.26 -12.22
CA ARG A 144 -15.78 3.30 -12.54
C ARG A 144 -16.41 1.93 -12.75
N ALA A 145 -16.29 1.39 -13.97
CA ALA A 145 -16.79 0.08 -14.33
C ALA A 145 -15.57 -0.85 -14.39
N THR A 146 -15.49 -1.80 -13.46
CA THR A 146 -14.35 -2.72 -13.37
C THR A 146 -14.72 -4.12 -13.83
N GLU A 147 -13.92 -4.69 -14.74
CA GLU A 147 -14.13 -6.05 -15.25
C GLU A 147 -13.81 -7.03 -14.12
N VAL A 148 -14.81 -7.81 -13.71
CA VAL A 148 -14.73 -8.79 -12.63
C VAL A 148 -15.07 -10.20 -13.14
N PRO A 149 -14.57 -11.30 -12.52
CA PRO A 149 -14.92 -12.65 -13.01
C PRO A 149 -16.43 -12.87 -13.16
N LEU A 150 -16.85 -13.39 -14.33
CA LEU A 150 -18.26 -13.62 -14.67
C LEU A 150 -18.87 -14.79 -13.86
N SER A 151 -19.13 -14.54 -12.56
CA SER A 151 -19.72 -15.49 -11.62
C SER A 151 -20.36 -14.77 -10.42
N TRP A 152 -21.24 -15.48 -9.67
CA TRP A 152 -21.94 -14.96 -8.49
C TRP A 152 -21.04 -14.50 -7.33
N ASP A 153 -19.76 -14.94 -7.33
CA ASP A 153 -18.77 -14.59 -6.32
C ASP A 153 -18.45 -13.10 -6.30
N SER A 154 -18.47 -12.44 -7.48
CA SER A 154 -18.19 -11.02 -7.67
C SER A 154 -19.32 -10.14 -7.13
N PHE A 155 -20.55 -10.67 -7.14
CA PHE A 155 -21.78 -9.98 -6.76
C PHE A 155 -21.91 -9.62 -5.28
N ASN A 156 -22.72 -8.57 -5.02
CA ASN A 156 -23.11 -8.04 -3.72
C ASN A 156 -24.43 -7.28 -3.87
N LYS A 157 -25.30 -7.35 -2.84
CA LYS A 157 -26.62 -6.72 -2.79
C LYS A 157 -26.64 -5.20 -3.00
N GLY A 158 -25.65 -4.50 -2.46
CA GLY A 158 -25.59 -3.04 -2.49
C GLY A 158 -25.08 -2.34 -3.73
N ASP A 159 -24.77 -3.10 -4.81
CA ASP A 159 -24.25 -2.48 -6.03
C ASP A 159 -24.94 -2.92 -7.33
N CYS A 160 -24.59 -2.25 -8.44
CA CYS A 160 -25.10 -2.52 -9.77
C CYS A 160 -24.01 -3.18 -10.62
N PHE A 161 -24.39 -4.23 -11.34
CA PHE A 161 -23.50 -5.02 -12.18
C PHE A 161 -24.03 -5.08 -13.61
N ILE A 162 -23.13 -5.07 -14.59
CA ILE A 162 -23.52 -5.10 -15.99
C ILE A 162 -23.01 -6.37 -16.65
N ILE A 163 -23.95 -7.26 -17.03
CA ILE A 163 -23.64 -8.52 -17.70
C ILE A 163 -23.69 -8.29 -19.20
N ASP A 164 -22.53 -8.24 -19.86
CA ASP A 164 -22.44 -7.99 -21.30
C ASP A 164 -22.28 -9.33 -22.02
N LEU A 165 -23.39 -9.82 -22.64
CA LEU A 165 -23.40 -11.09 -23.36
C LEU A 165 -23.35 -10.93 -24.89
N GLY A 166 -23.01 -9.72 -25.35
CA GLY A 166 -22.84 -9.41 -26.77
C GLY A 166 -24.04 -8.77 -27.41
N THR A 167 -25.01 -9.60 -27.84
CA THR A 167 -26.27 -9.17 -28.48
C THR A 167 -27.21 -8.52 -27.48
N GLU A 168 -27.07 -8.88 -26.19
CA GLU A 168 -27.86 -8.33 -25.10
C GLU A 168 -27.04 -7.99 -23.88
N ILE A 169 -27.29 -6.80 -23.32
CA ILE A 169 -26.63 -6.24 -22.14
C ILE A 169 -27.66 -6.25 -21.01
N TYR A 170 -27.27 -6.80 -19.87
CA TYR A 170 -28.12 -6.89 -18.69
C TYR A 170 -27.62 -5.99 -17.59
N GLN A 171 -28.51 -5.14 -17.06
CA GLN A 171 -28.16 -4.26 -15.95
C GLN A 171 -28.79 -4.84 -14.69
N TRP A 172 -27.98 -5.61 -13.95
CA TRP A 172 -28.40 -6.25 -12.72
C TRP A 172 -28.32 -5.26 -11.58
N CYS A 173 -29.48 -4.92 -11.00
CA CYS A 173 -29.59 -3.97 -9.91
C CYS A 173 -29.80 -4.71 -8.59
N GLY A 174 -28.90 -4.47 -7.65
CA GLY A 174 -28.96 -5.09 -6.33
C GLY A 174 -30.14 -4.59 -5.53
N SER A 175 -30.71 -5.45 -4.66
CA SER A 175 -31.89 -5.13 -3.86
C SER A 175 -31.70 -3.93 -2.90
N SER A 176 -30.47 -3.71 -2.39
CA SER A 176 -30.24 -2.60 -1.45
C SER A 176 -29.51 -1.38 -2.07
N CYS A 177 -29.52 -1.22 -3.42
CA CYS A 177 -28.88 -0.05 -4.03
C CYS A 177 -29.91 0.99 -4.51
N ASN A 178 -29.60 2.27 -4.28
CA ASN A 178 -30.43 3.44 -4.57
C ASN A 178 -30.49 3.85 -6.05
N LYS A 179 -31.42 4.78 -6.36
CA LYS A 179 -31.70 5.40 -7.66
C LYS A 179 -30.49 5.95 -8.40
N TYR A 180 -29.56 6.60 -7.67
CA TYR A 180 -28.35 7.19 -8.23
C TYR A 180 -27.43 6.13 -8.81
N GLU A 181 -27.22 5.02 -8.07
CA GLU A 181 -26.39 3.87 -8.47
C GLU A 181 -26.95 3.18 -9.73
N ARG A 182 -28.30 3.08 -9.81
CA ARG A 182 -29.05 2.48 -10.92
C ARG A 182 -28.89 3.30 -12.18
N LEU A 183 -29.05 4.63 -12.07
CA LEU A 183 -28.92 5.57 -13.18
C LEU A 183 -27.50 5.54 -13.75
N LYS A 184 -26.47 5.59 -12.87
CA LYS A 184 -25.06 5.58 -13.25
C LYS A 184 -24.68 4.31 -13.99
N ALA A 185 -25.14 3.14 -13.50
CA ALA A 185 -24.90 1.84 -14.13
C ALA A 185 -25.61 1.78 -15.48
N ASN A 186 -26.83 2.37 -15.58
CA ASN A 186 -27.58 2.43 -16.83
C ASN A 186 -26.78 3.17 -17.88
N GLN A 187 -26.18 4.33 -17.53
CA GLN A 187 -25.36 5.17 -18.41
C GLN A 187 -24.20 4.39 -19.02
N VAL A 188 -23.59 3.48 -18.23
CA VAL A 188 -22.49 2.59 -18.64
C VAL A 188 -23.05 1.56 -19.65
N ALA A 189 -24.20 0.94 -19.34
CA ALA A 189 -24.88 -0.05 -20.20
C ALA A 189 -25.32 0.57 -21.53
N THR A 190 -25.85 1.81 -21.49
CA THR A 190 -26.26 2.60 -22.67
C THR A 190 -25.00 2.92 -23.49
N GLY A 191 -23.92 3.18 -22.77
CA GLY A 191 -22.59 3.47 -23.33
C GLY A 191 -22.05 2.32 -24.16
N ILE A 192 -22.20 1.06 -23.67
CA ILE A 192 -21.74 -0.14 -24.38
C ILE A 192 -22.55 -0.34 -25.66
N ARG A 193 -23.90 -0.39 -25.54
CA ARG A 193 -24.83 -0.57 -26.65
C ARG A 193 -24.56 0.44 -27.77
N TYR A 194 -24.55 1.74 -27.45
CA TYR A 194 -24.32 2.81 -28.40
C TYR A 194 -22.85 2.91 -28.90
N ASN A 195 -21.86 3.01 -27.98
CA ASN A 195 -20.44 3.17 -28.33
C ASN A 195 -19.76 1.96 -28.95
N GLU A 196 -19.94 0.75 -28.35
CA GLU A 196 -19.31 -0.50 -28.78
C GLU A 196 -20.15 -1.38 -29.71
N ARG A 197 -21.49 -1.39 -29.56
CA ARG A 197 -22.38 -2.23 -30.40
C ARG A 197 -23.10 -1.50 -31.52
N LYS A 198 -23.05 -0.15 -31.52
CA LYS A 198 -23.70 0.74 -32.51
C LYS A 198 -25.23 0.78 -32.38
N GLY A 199 -25.74 0.43 -31.20
CA GLY A 199 -27.18 0.45 -30.90
C GLY A 199 -27.95 -0.77 -31.37
N ARG A 200 -27.26 -1.78 -31.93
CA ARG A 200 -27.87 -3.01 -32.40
C ARG A 200 -28.35 -3.84 -31.22
N SER A 201 -27.53 -3.83 -30.14
CA SER A 201 -27.73 -4.56 -28.92
C SER A 201 -29.03 -4.23 -28.20
N GLU A 202 -29.40 -5.09 -27.27
CA GLU A 202 -30.61 -4.93 -26.52
C GLU A 202 -30.27 -4.73 -25.04
N LEU A 203 -30.92 -3.76 -24.40
CA LEU A 203 -30.70 -3.48 -22.98
C LEU A 203 -31.85 -4.02 -22.13
N ILE A 204 -31.54 -4.99 -21.25
CA ILE A 204 -32.51 -5.58 -20.34
C ILE A 204 -32.10 -5.26 -18.91
N VAL A 205 -32.99 -4.60 -18.17
CA VAL A 205 -32.78 -4.26 -16.77
C VAL A 205 -33.24 -5.46 -15.96
N VAL A 206 -32.35 -5.99 -15.13
CA VAL A 206 -32.63 -7.18 -14.32
C VAL A 206 -32.63 -6.82 -12.83
N GLU A 207 -33.62 -7.34 -12.10
CA GLU A 207 -33.75 -7.16 -10.67
C GLU A 207 -33.30 -8.43 -9.96
N GLU A 208 -32.73 -8.27 -8.76
CA GLU A 208 -32.29 -9.39 -7.92
C GLU A 208 -33.54 -10.16 -7.49
N GLY A 209 -33.49 -11.48 -7.63
CA GLY A 209 -34.61 -12.36 -7.31
C GLY A 209 -35.53 -12.59 -8.51
N SER A 210 -35.33 -11.82 -9.60
CA SER A 210 -36.12 -11.87 -10.83
C SER A 210 -35.27 -12.11 -12.10
N GLU A 211 -34.04 -12.68 -11.95
CA GLU A 211 -33.12 -12.92 -13.07
C GLU A 211 -33.64 -13.93 -14.10
N PRO A 212 -33.56 -13.55 -15.41
CA PRO A 212 -34.05 -14.44 -16.48
C PRO A 212 -33.27 -15.76 -16.60
N SER A 213 -33.88 -16.75 -17.29
CA SER A 213 -33.33 -18.08 -17.53
C SER A 213 -31.96 -18.05 -18.22
N GLU A 214 -31.75 -17.09 -19.15
CA GLU A 214 -30.49 -16.89 -19.87
C GLU A 214 -29.35 -16.53 -18.92
N LEU A 215 -29.65 -15.70 -17.90
CA LEU A 215 -28.71 -15.26 -16.88
C LEU A 215 -28.31 -16.40 -15.94
N ILE A 216 -29.29 -17.15 -15.39
CA ILE A 216 -29.06 -18.28 -14.48
C ILE A 216 -28.43 -19.49 -15.22
N LYS A 217 -28.44 -19.46 -16.57
CA LYS A 217 -27.85 -20.50 -17.42
C LYS A 217 -26.32 -20.36 -17.40
N VAL A 218 -25.80 -19.13 -17.67
CA VAL A 218 -24.39 -18.78 -17.67
C VAL A 218 -23.87 -18.71 -16.21
N LEU A 219 -24.57 -17.95 -15.35
CA LEU A 219 -24.16 -17.74 -13.96
C LEU A 219 -24.44 -18.90 -13.01
N GLY A 220 -25.59 -19.55 -13.16
CA GLY A 220 -26.02 -20.61 -12.28
C GLY A 220 -27.03 -20.09 -11.29
N GLU A 221 -27.47 -20.94 -10.36
CA GLU A 221 -28.45 -20.57 -9.32
C GLU A 221 -27.86 -19.53 -8.37
N LYS A 222 -28.65 -18.49 -8.08
CA LYS A 222 -28.21 -17.41 -7.21
C LYS A 222 -28.27 -17.77 -5.72
N PRO A 223 -27.10 -17.71 -5.05
CA PRO A 223 -27.06 -18.00 -3.61
C PRO A 223 -27.31 -16.74 -2.77
N GLU A 224 -26.86 -16.76 -1.49
CA GLU A 224 -26.95 -15.60 -0.63
C GLU A 224 -25.92 -14.57 -1.11
N LEU A 225 -26.31 -13.29 -1.08
CA LEU A 225 -25.44 -12.24 -1.53
C LEU A 225 -24.87 -11.47 -0.38
N PRO A 226 -23.54 -11.22 -0.39
CA PRO A 226 -22.94 -10.46 0.71
C PRO A 226 -23.47 -9.05 0.68
N ASP A 227 -23.67 -8.44 1.86
CA ASP A 227 -24.13 -7.08 1.91
C ASP A 227 -23.08 -6.20 1.24
N GLY A 228 -23.56 -5.30 0.40
CA GLY A 228 -22.73 -4.38 -0.34
C GLY A 228 -21.74 -3.67 0.56
N GLY A 229 -20.47 -3.83 0.26
CA GLY A 229 -19.37 -3.20 0.98
C GLY A 229 -19.52 -1.70 0.81
N ASP A 230 -19.31 -0.98 1.90
CA ASP A 230 -19.47 0.45 1.86
C ASP A 230 -18.04 0.95 1.66
N ASP A 231 -17.75 1.46 0.42
CA ASP A 231 -16.40 1.94 0.07
C ASP A 231 -16.09 3.21 0.84
N ASP A 232 -17.10 4.15 0.91
CA ASP A 232 -17.05 5.46 1.59
C ASP A 232 -15.65 6.06 1.48
N ASP A 233 -15.11 6.11 0.24
CA ASP A 233 -13.77 6.61 -0.02
C ASP A 233 -13.60 7.93 0.62
N ILE A 234 -12.40 8.13 1.17
CA ILE A 234 -12.04 9.31 1.91
C ILE A 234 -12.28 10.60 1.14
N ILE A 235 -13.04 11.52 1.78
CA ILE A 235 -13.42 12.81 1.25
C ILE A 235 -12.69 13.85 2.06
N ALA A 236 -12.05 14.81 1.37
CA ALA A 236 -11.31 15.91 1.98
C ALA A 236 -12.13 16.65 3.02
N ASP A 237 -11.51 16.85 4.19
CA ASP A 237 -12.12 17.53 5.31
C ASP A 237 -12.00 19.02 5.06
N ILE A 238 -13.11 19.74 5.24
CA ILE A 238 -13.14 21.18 5.06
C ILE A 238 -12.92 21.85 6.41
N SER A 239 -11.86 22.68 6.50
CA SER A 239 -11.49 23.41 7.73
C SER A 239 -10.59 24.61 7.41
N ASN A 240 -10.21 25.35 8.46
CA ASN A 240 -9.32 26.49 8.37
C ASN A 240 -7.88 26.06 8.69
N ARG A 241 -7.64 24.74 8.67
CA ARG A 241 -6.33 24.13 8.90
C ARG A 241 -5.48 24.21 7.66
N LYS A 242 -4.27 24.78 7.83
CA LYS A 242 -3.29 24.97 6.77
C LYS A 242 -2.37 23.75 6.82
N MET A 243 -2.65 22.78 5.93
CA MET A 243 -2.02 21.46 5.90
C MET A 243 -0.91 21.26 4.86
N ALA A 244 -0.51 22.33 4.14
CA ALA A 244 0.53 22.22 3.13
C ALA A 244 1.90 22.72 3.61
N LYS A 245 2.96 22.06 3.13
CA LYS A 245 4.36 22.37 3.43
C LYS A 245 5.13 22.61 2.12
N LEU A 246 6.11 23.52 2.14
CA LEU A 246 6.95 23.78 0.98
C LEU A 246 8.35 23.29 1.27
N TYR A 247 8.90 22.47 0.38
CA TYR A 247 10.23 21.88 0.51
C TYR A 247 11.08 22.19 -0.71
N MET A 248 12.40 22.23 -0.53
CA MET A 248 13.38 22.42 -1.60
C MET A 248 14.19 21.13 -1.70
N VAL A 249 14.43 20.65 -2.93
CA VAL A 249 15.19 19.42 -3.17
C VAL A 249 16.67 19.75 -3.39
N SER A 250 17.53 19.05 -2.66
CA SER A 250 18.98 19.22 -2.68
C SER A 250 19.67 17.85 -2.86
N ASP A 251 19.65 17.35 -4.12
CA ASP A 251 20.22 16.10 -4.65
C ASP A 251 20.79 15.12 -3.61
N SER A 255 19.49 9.32 -1.71
CA SER A 255 20.07 10.18 -2.73
C SER A 255 19.65 11.63 -2.49
N MET A 256 18.38 11.93 -2.74
CA MET A 256 17.70 13.22 -2.61
C MET A 256 17.59 13.67 -1.16
N ARG A 257 17.80 14.98 -0.93
CA ARG A 257 17.69 15.56 0.40
C ARG A 257 16.69 16.70 0.40
N VAL A 258 15.64 16.60 1.22
CA VAL A 258 14.61 17.64 1.29
C VAL A 258 14.83 18.56 2.48
N THR A 259 14.80 19.87 2.19
CA THR A 259 14.92 20.93 3.19
C THR A 259 13.62 21.72 3.19
N VAL A 260 13.03 21.93 4.37
CA VAL A 260 11.79 22.68 4.53
C VAL A 260 12.00 24.18 4.25
N VAL A 261 11.07 24.79 3.51
CA VAL A 261 11.09 26.21 3.15
C VAL A 261 10.02 26.92 3.99
N ALA A 262 8.78 26.40 4.00
CA ALA A 262 7.66 26.95 4.76
C ALA A 262 6.90 25.86 5.51
N GLU A 263 6.63 26.09 6.80
CA GLU A 263 5.93 25.16 7.70
C GLU A 263 4.40 25.27 7.66
N GLU A 264 3.86 26.21 6.87
CA GLU A 264 2.42 26.42 6.74
C GLU A 264 2.10 27.26 5.52
N ASN A 265 1.05 26.87 4.80
CA ASN A 265 0.55 27.63 3.66
C ASN A 265 -0.41 28.72 4.21
N PRO A 266 -0.70 29.85 3.53
CA PRO A 266 -0.27 30.27 2.19
C PRO A 266 1.22 30.61 2.09
N PHE A 267 1.85 30.14 1.01
CA PHE A 267 3.25 30.38 0.72
C PHE A 267 3.41 31.67 -0.07
N SER A 268 4.65 32.16 -0.17
CA SER A 268 4.98 33.36 -0.92
C SER A 268 5.72 32.93 -2.18
N MET A 269 5.35 33.50 -3.35
CA MET A 269 5.93 33.20 -4.66
C MET A 269 7.46 33.31 -4.71
N ALA A 270 8.04 34.21 -3.89
CA ALA A 270 9.48 34.45 -3.77
C ALA A 270 10.24 33.22 -3.25
N MET A 271 9.55 32.35 -2.48
CA MET A 271 10.09 31.10 -1.93
C MET A 271 10.54 30.16 -3.06
N LEU A 272 9.84 30.23 -4.21
CA LEU A 272 10.12 29.45 -5.42
C LEU A 272 11.29 30.11 -6.16
N LEU A 273 12.42 29.41 -6.23
CA LEU A 273 13.62 29.89 -6.89
C LEU A 273 13.88 29.09 -8.16
N SER A 274 14.13 29.80 -9.28
CA SER A 274 14.38 29.23 -10.61
C SER A 274 15.59 28.28 -10.65
N GLU A 275 16.52 28.44 -9.69
CA GLU A 275 17.74 27.64 -9.56
C GLU A 275 17.47 26.24 -9.01
N GLU A 276 16.36 26.05 -8.27
CA GLU A 276 16.05 24.77 -7.61
C GLU A 276 14.70 24.15 -7.95
N CYS A 277 14.51 22.90 -7.51
CA CYS A 277 13.28 22.11 -7.63
C CYS A 277 12.62 22.07 -6.26
N PHE A 278 11.30 22.27 -6.22
CA PHE A 278 10.52 22.33 -4.99
C PHE A 278 9.41 21.29 -4.90
N ILE A 279 9.10 20.86 -3.67
CA ILE A 279 8.01 19.93 -3.39
C ILE A 279 6.96 20.63 -2.54
N LEU A 280 5.75 20.78 -3.09
CA LEU A 280 4.61 21.32 -2.35
C LEU A 280 3.90 20.09 -1.83
N ASP A 281 3.93 19.89 -0.51
CA ASP A 281 3.34 18.74 0.13
C ASP A 281 1.95 18.99 0.67
N HIS A 282 0.96 18.31 0.07
CA HIS A 282 -0.43 18.34 0.51
C HIS A 282 -0.87 16.87 0.58
N GLY A 283 0.06 16.04 1.07
CA GLY A 283 -0.06 14.60 1.22
C GLY A 283 -1.31 14.13 1.95
N ALA A 284 -1.73 14.89 2.99
CA ALA A 284 -2.93 14.60 3.77
C ALA A 284 -4.18 14.62 2.88
N ALA A 285 -4.20 15.50 1.86
CA ALA A 285 -5.29 15.64 0.89
C ALA A 285 -5.05 14.83 -0.40
N LYS A 286 -4.11 13.86 -0.37
CA LYS A 286 -3.72 12.94 -1.45
C LYS A 286 -2.95 13.58 -2.62
N GLN A 287 -2.36 14.79 -2.45
CA GLN A 287 -1.66 15.42 -3.58
C GLN A 287 -0.28 15.98 -3.24
N ILE A 288 0.72 15.73 -4.10
CA ILE A 288 2.05 16.30 -3.96
C ILE A 288 2.45 16.92 -5.30
N PHE A 289 3.08 18.11 -5.26
CA PHE A 289 3.48 18.82 -6.47
C PHE A 289 4.98 19.04 -6.54
N VAL A 290 5.58 18.76 -7.70
CA VAL A 290 7.00 18.97 -7.93
C VAL A 290 7.15 20.14 -8.88
N TRP A 291 7.54 21.31 -8.34
CA TRP A 291 7.74 22.52 -9.13
C TRP A 291 9.21 22.56 -9.55
N LYS A 292 9.46 22.67 -10.87
CA LYS A 292 10.82 22.71 -11.38
C LYS A 292 11.19 24.08 -11.91
N GLY A 293 12.22 24.68 -11.32
CA GLY A 293 12.74 25.98 -11.73
C GLY A 293 13.35 25.92 -13.11
N LYS A 294 13.21 27.02 -13.88
CA LYS A 294 13.71 27.11 -15.26
C LYS A 294 15.24 26.99 -15.37
N ASP A 295 15.99 27.44 -14.34
CA ASP A 295 17.45 27.40 -14.31
C ASP A 295 17.97 26.27 -13.41
N ALA A 296 17.05 25.38 -12.97
CA ALA A 296 17.38 24.22 -12.14
C ALA A 296 18.11 23.18 -13.01
N ASN A 297 18.98 22.39 -12.39
CA ASN A 297 19.77 21.34 -13.02
C ASN A 297 18.88 20.42 -13.89
N PRO A 298 19.19 20.21 -15.20
CA PRO A 298 18.31 19.39 -16.06
C PRO A 298 18.13 17.93 -15.63
N GLN A 299 19.19 17.30 -15.08
CA GLN A 299 19.17 15.92 -14.58
C GLN A 299 18.23 15.79 -13.37
N GLU A 300 18.23 16.81 -12.49
CA GLU A 300 17.36 16.88 -11.31
C GLU A 300 15.89 17.07 -11.71
N ARG A 301 15.65 17.80 -12.82
CA ARG A 301 14.31 18.08 -13.37
C ARG A 301 13.67 16.83 -13.96
N LYS A 302 14.45 16.02 -14.70
CA LYS A 302 14.00 14.78 -15.35
C LYS A 302 13.62 13.71 -14.33
N ALA A 303 14.32 13.70 -13.18
CA ALA A 303 14.11 12.76 -12.09
C ALA A 303 13.00 13.18 -11.11
N ALA A 304 12.23 14.24 -11.43
CA ALA A 304 11.15 14.80 -10.61
C ALA A 304 10.12 13.76 -10.14
N MET A 305 9.68 12.86 -11.05
CA MET A 305 8.72 11.80 -10.73
C MET A 305 9.31 10.83 -9.70
N LYS A 306 10.59 10.43 -9.91
CA LYS A 306 11.36 9.54 -9.04
C LYS A 306 11.62 10.20 -7.68
N THR A 307 11.91 11.51 -7.68
CA THR A 307 12.15 12.36 -6.51
C THR A 307 10.88 12.41 -5.64
N ALA A 308 9.71 12.58 -6.30
CA ALA A 308 8.39 12.65 -5.68
C ALA A 308 7.98 11.33 -5.03
N GLU A 309 8.25 10.19 -5.70
CA GLU A 309 7.94 8.84 -5.21
C GLU A 309 8.76 8.56 -3.94
N GLU A 310 10.03 8.99 -3.93
CA GLU A 310 10.95 8.87 -2.81
C GLU A 310 10.48 9.73 -1.64
N PHE A 311 9.89 10.90 -1.93
CA PHE A 311 9.35 11.84 -0.94
C PHE A 311 8.20 11.20 -0.18
N LEU A 312 7.27 10.52 -0.90
CA LEU A 312 6.12 9.82 -0.33
C LEU A 312 6.58 8.75 0.65
N GLN A 313 7.61 7.98 0.25
CA GLN A 313 8.21 6.91 1.03
C GLN A 313 8.89 7.44 2.30
N GLN A 314 9.65 8.55 2.18
CA GLN A 314 10.36 9.19 3.29
C GLN A 314 9.38 9.82 4.30
N MET A 315 8.27 10.39 3.81
CA MET A 315 7.26 11.05 4.64
C MET A 315 6.10 10.13 5.05
N ASN A 316 6.25 8.80 4.78
CA ASN A 316 5.30 7.71 5.10
C ASN A 316 3.87 7.96 4.56
N TYR A 317 3.79 8.54 3.36
CA TYR A 317 2.51 8.76 2.68
C TYR A 317 2.15 7.51 1.91
N SER A 318 0.88 7.39 1.52
CA SER A 318 0.43 6.25 0.72
C SER A 318 1.12 6.33 -0.64
N LYS A 319 1.48 5.18 -1.20
CA LYS A 319 2.13 5.10 -2.50
C LYS A 319 1.16 5.48 -3.63
N ASN A 320 -0.14 5.64 -3.29
CA ASN A 320 -1.22 6.01 -4.21
C ASN A 320 -1.51 7.52 -4.22
N THR A 321 -0.64 8.33 -3.56
CA THR A 321 -0.76 9.79 -3.53
C THR A 321 -0.56 10.33 -4.94
N GLN A 322 -1.35 11.32 -5.33
CA GLN A 322 -1.29 11.95 -6.65
C GLN A 322 -0.05 12.81 -6.79
N ILE A 323 0.71 12.61 -7.87
CA ILE A 323 1.93 13.37 -8.15
C ILE A 323 1.73 14.23 -9.39
N GLN A 324 1.96 15.55 -9.27
CA GLN A 324 1.87 16.50 -10.35
C GLN A 324 3.21 17.21 -10.49
N VAL A 325 3.84 17.11 -11.67
CA VAL A 325 5.12 17.74 -11.94
C VAL A 325 4.87 18.98 -12.82
N LEU A 326 5.27 20.16 -12.33
CA LEU A 326 5.02 21.40 -13.03
C LEU A 326 6.27 22.17 -13.42
N PRO A 327 6.33 22.65 -14.69
CA PRO A 327 7.47 23.50 -15.08
C PRO A 327 7.18 24.94 -14.67
N GLU A 328 8.24 25.76 -14.49
CA GLU A 328 8.10 27.18 -14.14
C GLU A 328 7.37 27.88 -15.29
N GLY A 329 6.29 28.58 -14.96
CA GLY A 329 5.46 29.27 -15.93
C GLY A 329 4.29 28.44 -16.44
N GLY A 330 4.29 27.16 -16.09
CA GLY A 330 3.24 26.21 -16.47
C GLY A 330 2.47 25.70 -15.28
N GLU A 331 2.44 26.48 -14.18
CA GLU A 331 1.75 26.16 -12.93
C GLU A 331 0.24 26.02 -13.10
N THR A 332 -0.35 25.05 -12.40
CA THR A 332 -1.79 24.74 -12.41
C THR A 332 -2.57 25.67 -11.46
N PRO A 333 -3.90 25.87 -11.66
CA PRO A 333 -4.66 26.75 -10.74
C PRO A 333 -4.68 26.22 -9.30
N ILE A 334 -4.63 24.88 -9.14
CA ILE A 334 -4.59 24.19 -7.84
C ILE A 334 -3.26 24.48 -7.12
N PHE A 335 -2.13 24.50 -7.85
CA PHE A 335 -0.81 24.77 -7.29
C PHE A 335 -0.68 26.25 -6.89
N LYS A 336 -1.10 27.16 -7.80
CA LYS A 336 -1.04 28.62 -7.63
C LYS A 336 -1.83 29.13 -6.42
N GLN A 337 -2.99 28.50 -6.12
CA GLN A 337 -3.88 28.91 -5.04
C GLN A 337 -3.31 28.65 -3.61
N PHE A 338 -2.15 27.98 -3.50
CA PHE A 338 -1.46 27.76 -2.22
C PHE A 338 -0.62 28.99 -1.88
N PHE A 339 -0.66 30.01 -2.77
CA PHE A 339 0.11 31.24 -2.65
C PHE A 339 -0.77 32.47 -2.46
N LYS A 340 -0.42 33.28 -1.45
CA LYS A 340 -1.11 34.50 -1.07
C LYS A 340 -0.84 35.65 -2.06
N ASP A 341 0.38 35.69 -2.61
CA ASP A 341 0.89 36.74 -3.49
C ASP A 341 1.22 36.28 -4.92
N TRP A 342 0.43 35.33 -5.50
CA TRP A 342 0.74 34.86 -6.85
C TRP A 342 0.57 35.96 -7.90
N ARG A 343 1.64 36.19 -8.66
CA ARG A 343 1.70 37.19 -9.72
C ARG A 343 2.24 36.57 -10.98
N ASP A 344 1.53 36.75 -12.09
CA ASP A 344 1.95 36.19 -13.37
C ASP A 344 2.82 37.13 -14.19
N HIS B 2 -9.11 -19.81 24.27
CA HIS B 2 -9.91 -19.44 25.44
C HIS B 2 -9.40 -20.15 26.68
N GLU B 3 -8.90 -21.38 26.50
CA GLU B 3 -8.27 -22.19 27.53
C GLU B 3 -6.91 -21.52 27.85
N GLU B 4 -6.21 -21.04 26.80
CA GLU B 4 -4.90 -20.38 26.86
C GLU B 4 -4.87 -19.05 27.62
N PHE B 5 -6.02 -18.34 27.72
CA PHE B 5 -6.13 -17.08 28.46
C PHE B 5 -5.75 -17.30 29.93
N ALA B 6 -6.10 -18.48 30.48
CA ALA B 6 -5.77 -18.90 31.84
C ALA B 6 -4.23 -19.02 32.03
N ARG B 7 -3.49 -19.35 30.94
CA ARG B 7 -2.02 -19.44 30.98
C ARG B 7 -1.41 -18.04 30.87
N ALA B 8 -2.05 -17.15 30.10
CA ALA B 8 -1.61 -15.80 29.77
C ALA B 8 -1.36 -14.86 30.96
N GLY B 9 -0.22 -14.18 30.90
CA GLY B 9 0.25 -13.17 31.86
C GLY B 9 0.48 -13.58 33.30
N LYS B 10 0.57 -14.89 33.57
CA LYS B 10 0.77 -15.43 34.92
C LYS B 10 2.16 -15.12 35.49
N GLN B 11 3.21 -15.21 34.66
CA GLN B 11 4.58 -14.91 35.08
C GLN B 11 5.34 -14.13 34.00
N ALA B 12 6.40 -13.40 34.41
CA ALA B 12 7.24 -12.58 33.54
C ALA B 12 7.85 -13.39 32.39
N GLY B 13 7.99 -12.74 31.25
CA GLY B 13 8.53 -13.36 30.04
C GLY B 13 7.65 -13.17 28.82
N LEU B 14 7.99 -13.87 27.74
CA LEU B 14 7.28 -13.79 26.47
C LEU B 14 6.44 -15.03 26.20
N GLN B 15 5.19 -14.82 25.77
CA GLN B 15 4.24 -15.87 25.41
C GLN B 15 3.74 -15.63 24.01
N VAL B 16 3.97 -16.60 23.11
CA VAL B 16 3.56 -16.51 21.72
C VAL B 16 2.50 -17.56 21.43
N TRP B 17 1.40 -17.12 20.79
CA TRP B 17 0.30 -17.97 20.37
C TRP B 17 0.04 -17.72 18.90
N ARG B 18 -0.43 -18.75 18.21
CA ARG B 18 -0.75 -18.70 16.79
C ARG B 18 -2.25 -18.97 16.66
N ILE B 19 -2.97 -18.09 15.93
CA ILE B 19 -4.41 -18.27 15.72
C ILE B 19 -4.58 -19.39 14.71
N GLU B 20 -4.97 -20.58 15.19
CA GLU B 20 -5.19 -21.76 14.38
C GLU B 20 -6.67 -22.04 14.32
N LYS B 21 -7.30 -21.75 13.17
CA LYS B 21 -8.74 -21.94 12.95
C LYS B 21 -9.58 -21.44 14.13
N LEU B 22 -9.42 -20.14 14.45
CA LEU B 22 -10.10 -19.39 15.52
C LEU B 22 -9.80 -19.94 16.94
N GLU B 23 -8.58 -20.50 17.15
CA GLU B 23 -8.15 -21.05 18.44
C GLU B 23 -6.71 -20.67 18.78
N LEU B 24 -6.46 -20.33 20.07
CA LEU B 24 -5.13 -19.96 20.55
C LEU B 24 -4.28 -21.18 20.85
N VAL B 25 -3.23 -21.38 20.06
CA VAL B 25 -2.30 -22.50 20.25
C VAL B 25 -0.92 -21.95 20.57
N PRO B 26 -0.34 -22.32 21.74
CA PRO B 26 1.00 -21.81 22.09
C PRO B 26 2.08 -22.21 21.09
N VAL B 27 3.04 -21.31 20.90
CA VAL B 27 4.19 -21.52 20.02
C VAL B 27 5.38 -21.79 20.95
N PRO B 28 6.02 -22.99 20.85
CA PRO B 28 7.13 -23.31 21.76
C PRO B 28 8.27 -22.29 21.74
N GLN B 29 8.95 -22.15 22.88
CA GLN B 29 10.07 -21.23 23.12
C GLN B 29 11.17 -21.29 22.07
N SER B 30 11.51 -22.51 21.60
CA SER B 30 12.51 -22.74 20.56
C SER B 30 12.08 -22.17 19.21
N ALA B 31 10.76 -22.21 18.92
CA ALA B 31 10.17 -21.69 17.70
C ALA B 31 10.00 -20.15 17.68
N HIS B 32 10.13 -19.47 18.85
CA HIS B 32 9.99 -18.01 18.97
C HIS B 32 10.84 -17.25 17.96
N GLY B 33 10.19 -16.39 17.19
CA GLY B 33 10.82 -15.63 16.12
C GLY B 33 10.39 -16.13 14.75
N ASP B 34 9.88 -17.37 14.69
CA ASP B 34 9.38 -17.98 13.46
C ASP B 34 7.89 -17.70 13.33
N PHE B 35 7.51 -17.10 12.21
CA PHE B 35 6.12 -16.75 11.93
C PHE B 35 5.75 -17.16 10.52
N TYR B 36 4.64 -17.89 10.38
CA TYR B 36 4.14 -18.33 9.08
C TYR B 36 3.52 -17.15 8.35
N VAL B 37 3.98 -16.93 7.11
CA VAL B 37 3.62 -15.85 6.19
C VAL B 37 2.10 -15.74 5.93
N GLY B 38 1.36 -16.85 6.09
CA GLY B 38 -0.08 -16.87 5.89
C GLY B 38 -0.89 -17.02 7.17
N ASP B 39 -0.29 -16.66 8.32
CA ASP B 39 -0.92 -16.77 9.63
C ASP B 39 -0.91 -15.49 10.47
N ALA B 40 -1.75 -15.48 11.52
CA ALA B 40 -1.89 -14.40 12.50
C ALA B 40 -1.45 -14.92 13.87
N TYR B 41 -0.64 -14.13 14.58
CA TYR B 41 -0.10 -14.50 15.89
C TYR B 41 -0.46 -13.49 16.97
N LEU B 42 -0.38 -13.93 18.23
CA LEU B 42 -0.61 -13.12 19.42
C LEU B 42 0.63 -13.26 20.30
N VAL B 43 1.33 -12.15 20.51
CA VAL B 43 2.56 -12.09 21.30
C VAL B 43 2.29 -11.25 22.55
N LEU B 44 2.48 -11.86 23.73
CA LEU B 44 2.29 -11.17 24.99
C LEU B 44 3.58 -11.14 25.78
N HIS B 45 4.01 -9.95 26.18
CA HIS B 45 5.21 -9.76 26.98
C HIS B 45 4.80 -9.31 28.37
N THR B 46 5.21 -10.09 29.37
CA THR B 46 4.91 -9.82 30.77
C THR B 46 6.17 -9.29 31.46
N ALA B 47 6.04 -8.12 32.08
CA ALA B 47 7.15 -7.50 32.77
C ALA B 47 6.94 -7.51 34.27
N LYS B 48 7.96 -8.03 34.95
CA LYS B 48 8.06 -8.14 36.40
C LYS B 48 8.25 -6.73 36.95
N THR B 49 7.39 -6.34 37.90
CA THR B 49 7.50 -5.00 38.46
C THR B 49 7.35 -5.08 39.98
N SER B 50 7.77 -4.01 40.66
CA SER B 50 7.59 -3.85 42.09
C SER B 50 6.12 -3.41 42.30
N ARG B 51 5.53 -2.71 41.29
CA ARG B 51 4.15 -2.21 41.26
C ARG B 51 3.06 -3.30 41.06
N GLY B 52 3.07 -3.99 39.91
CA GLY B 52 2.17 -5.08 39.51
C GLY B 52 2.74 -5.97 38.41
N PHE B 53 2.11 -5.95 37.21
CA PHE B 53 2.53 -6.73 36.02
C PHE B 53 2.23 -5.94 34.73
N THR B 54 3.27 -5.36 34.10
CA THR B 54 3.10 -4.59 32.87
C THR B 54 3.08 -5.48 31.64
N TYR B 55 2.03 -5.35 30.82
CA TYR B 55 1.83 -6.16 29.63
C TYR B 55 1.99 -5.40 28.32
N ARG B 56 2.72 -6.02 27.39
CA ARG B 56 2.93 -5.53 26.02
C ARG B 56 2.35 -6.59 25.12
N LEU B 57 1.11 -6.33 24.68
CA LEU B 57 0.30 -7.21 23.84
C LEU B 57 0.44 -6.81 22.37
N HIS B 58 0.80 -7.78 21.53
CA HIS B 58 1.03 -7.57 20.10
C HIS B 58 0.28 -8.60 19.28
N PHE B 59 -0.25 -8.17 18.12
CA PHE B 59 -0.88 -9.10 17.19
C PHE B 59 -0.23 -8.92 15.83
N TRP B 60 0.50 -9.96 15.42
CA TRP B 60 1.27 -10.00 14.19
C TRP B 60 0.44 -10.56 13.05
N LEU B 61 0.44 -9.86 11.90
CA LEU B 61 -0.31 -10.28 10.72
C LEU B 61 0.61 -10.68 9.58
N GLY B 62 0.39 -11.87 9.04
CA GLY B 62 1.15 -12.40 7.92
C GLY B 62 0.73 -11.75 6.62
N LYS B 63 1.68 -11.67 5.66
CA LYS B 63 1.47 -11.09 4.33
C LYS B 63 0.39 -11.82 3.54
N GLU B 64 0.29 -13.15 3.71
CA GLU B 64 -0.65 -14.02 2.99
C GLU B 64 -1.91 -14.40 3.81
N CYS B 65 -2.06 -13.92 5.07
CA CYS B 65 -3.25 -14.24 5.85
C CYS B 65 -4.46 -13.43 5.36
N SER B 66 -5.63 -14.08 5.31
CA SER B 66 -6.89 -13.51 4.83
C SER B 66 -7.45 -12.39 5.71
N GLN B 67 -8.42 -11.64 5.15
CA GLN B 67 -9.15 -10.55 5.79
C GLN B 67 -9.82 -11.05 7.08
N ASP B 68 -10.42 -12.26 7.03
CA ASP B 68 -11.06 -12.90 8.18
C ASP B 68 -10.04 -13.48 9.15
N GLU B 69 -8.85 -13.88 8.66
CA GLU B 69 -7.75 -14.39 9.49
C GLU B 69 -7.18 -13.23 10.32
N SER B 70 -7.17 -12.01 9.74
CA SER B 70 -6.71 -10.77 10.36
C SER B 70 -7.72 -10.31 11.43
N THR B 71 -9.03 -10.45 11.13
CA THR B 71 -10.15 -10.07 12.01
C THR B 71 -10.11 -10.86 13.32
N ALA B 72 -9.87 -12.20 13.24
CA ALA B 72 -9.77 -13.09 14.38
C ALA B 72 -8.68 -12.64 15.35
N ALA B 73 -7.52 -12.20 14.81
CA ALA B 73 -6.39 -11.69 15.59
C ALA B 73 -6.80 -10.45 16.39
N ALA B 74 -7.50 -9.49 15.73
CA ALA B 74 -8.00 -8.25 16.34
C ALA B 74 -8.98 -8.51 17.50
N ILE B 75 -9.91 -9.47 17.31
CA ILE B 75 -10.90 -9.88 18.31
C ILE B 75 -10.18 -10.49 19.51
N PHE B 76 -9.30 -11.48 19.26
CA PHE B 76 -8.49 -12.16 20.28
C PHE B 76 -7.69 -11.18 21.13
N THR B 77 -7.15 -10.11 20.49
CA THR B 77 -6.39 -9.05 21.16
C THR B 77 -7.31 -8.24 22.08
N VAL B 78 -8.56 -7.95 21.63
CA VAL B 78 -9.59 -7.24 22.40
C VAL B 78 -10.02 -8.08 23.61
N GLN B 79 -10.25 -9.40 23.39
CA GLN B 79 -10.67 -10.35 24.43
C GLN B 79 -9.56 -10.53 25.47
N MET B 80 -8.30 -10.67 25.01
CA MET B 80 -7.10 -10.81 25.84
C MET B 80 -6.90 -9.55 26.67
N ASP B 81 -7.14 -8.37 26.06
CA ASP B 81 -7.02 -7.06 26.69
C ASP B 81 -7.98 -6.89 27.87
N ASP B 82 -9.29 -7.14 27.66
CA ASP B 82 -10.27 -7.02 28.73
C ASP B 82 -10.15 -8.17 29.74
N TYR B 83 -9.57 -9.33 29.31
CA TYR B 83 -9.29 -10.47 30.20
C TYR B 83 -8.21 -9.99 31.17
N LEU B 84 -7.26 -9.17 30.68
CA LEU B 84 -6.19 -8.58 31.46
C LEU B 84 -6.58 -7.20 32.04
N GLY B 85 -7.88 -6.89 31.98
CA GLY B 85 -8.52 -5.70 32.53
C GLY B 85 -8.15 -4.35 31.95
N GLY B 86 -7.83 -4.31 30.66
CA GLY B 86 -7.47 -3.07 29.96
C GLY B 86 -6.17 -2.46 30.41
N LYS B 87 -5.35 -3.23 31.15
CA LYS B 87 -4.04 -2.87 31.65
C LYS B 87 -2.96 -2.96 30.53
N PRO B 88 -3.02 -3.94 29.59
CA PRO B 88 -1.97 -4.04 28.55
C PRO B 88 -1.97 -2.94 27.48
N VAL B 89 -0.84 -2.85 26.78
CA VAL B 89 -0.57 -1.94 25.65
C VAL B 89 -0.67 -2.80 24.39
N GLN B 90 -1.54 -2.43 23.45
CA GLN B 90 -1.77 -3.20 22.22
C GLN B 90 -1.03 -2.63 21.02
N ASN B 91 -0.51 -3.51 20.17
CA ASN B 91 0.21 -3.12 18.95
C ASN B 91 -0.19 -3.98 17.76
N ARG B 92 -0.40 -3.34 16.60
CA ARG B 92 -0.70 -4.03 15.37
C ARG B 92 0.63 -4.22 14.68
N GLU B 93 1.08 -5.47 14.57
CA GLU B 93 2.34 -5.79 13.93
C GLU B 93 2.12 -6.32 12.54
N LEU B 94 2.81 -5.73 11.58
CA LEU B 94 2.73 -6.11 10.17
C LEU B 94 4.07 -6.64 9.72
N GLN B 95 4.05 -7.75 8.95
CA GLN B 95 5.23 -8.42 8.43
C GLN B 95 6.12 -7.49 7.60
N GLY B 96 7.36 -7.34 8.04
CA GLY B 96 8.34 -6.47 7.40
C GLY B 96 8.24 -5.03 7.85
N TYR B 97 7.28 -4.71 8.73
CA TYR B 97 7.00 -3.36 9.25
C TYR B 97 6.79 -3.32 10.77
N GLU B 98 7.09 -4.43 11.48
CA GLU B 98 6.91 -4.53 12.93
C GLU B 98 7.79 -3.57 13.72
N SER B 99 7.27 -3.12 14.88
CA SER B 99 7.91 -2.16 15.79
C SER B 99 9.19 -2.68 16.44
N ASN B 100 10.03 -1.75 16.92
CA ASN B 100 11.31 -2.02 17.60
C ASN B 100 11.12 -2.90 18.82
N ASP B 101 10.10 -2.61 19.65
CA ASP B 101 9.76 -3.34 20.87
C ASP B 101 9.44 -4.81 20.59
N PHE B 102 8.64 -5.08 19.52
CA PHE B 102 8.27 -6.42 19.08
C PHE B 102 9.51 -7.15 18.57
N VAL B 103 10.30 -6.46 17.72
CA VAL B 103 11.55 -6.91 17.11
C VAL B 103 12.59 -7.32 18.18
N SER B 104 12.65 -6.54 19.29
CA SER B 104 13.58 -6.74 20.40
C SER B 104 13.28 -7.99 21.26
N TYR B 105 12.14 -8.66 21.05
CA TYR B 105 11.79 -9.86 21.81
C TYR B 105 12.54 -11.09 21.31
N PHE B 106 12.90 -11.07 20.01
CA PHE B 106 13.57 -12.16 19.33
C PHE B 106 14.98 -11.70 18.92
N LYS B 107 16.00 -12.19 19.66
CA LYS B 107 17.41 -11.84 19.45
C LYS B 107 18.01 -12.39 18.17
N GLY B 108 17.63 -13.61 17.80
CA GLY B 108 18.09 -14.27 16.58
C GLY B 108 17.52 -13.66 15.32
N GLY B 109 16.54 -12.77 15.48
CA GLY B 109 15.86 -12.09 14.39
C GLY B 109 14.51 -12.71 14.09
N LEU B 110 13.97 -12.41 12.91
CA LEU B 110 12.67 -12.95 12.49
C LEU B 110 12.78 -13.90 11.32
N LYS B 111 12.02 -15.01 11.39
CA LYS B 111 11.95 -16.00 10.34
C LYS B 111 10.55 -16.03 9.76
N TYR B 112 10.42 -15.68 8.48
CA TYR B 112 9.13 -15.68 7.78
C TYR B 112 9.03 -16.98 6.99
N LYS B 113 8.24 -17.92 7.52
CA LYS B 113 8.06 -19.25 6.93
C LYS B 113 6.90 -19.25 5.94
N ALA B 114 7.13 -19.76 4.71
CA ALA B 114 6.07 -19.87 3.70
C ALA B 114 5.03 -20.91 4.13
N GLY B 115 3.79 -20.70 3.73
CA GLY B 115 2.66 -21.58 4.10
C GLY B 115 1.97 -21.10 5.36
N GLY B 116 1.47 -22.04 6.15
CA GLY B 116 0.78 -21.78 7.40
C GLY B 116 -0.14 -22.91 7.81
N VAL B 117 -1.29 -22.56 8.45
CA VAL B 117 -2.30 -23.54 8.88
C VAL B 117 -2.96 -24.23 7.69
N ALA B 118 -3.11 -23.50 6.57
CA ALA B 118 -3.68 -23.98 5.31
C ALA B 118 -2.80 -25.06 4.65
N SER B 119 -1.48 -24.97 4.84
CA SER B 119 -0.52 -25.94 4.31
C SER B 119 -0.28 -27.11 5.29
N GLY B 120 -1.00 -27.07 6.42
CA GLY B 120 -0.93 -28.07 7.49
C GLY B 120 0.38 -28.00 8.25
N LEU B 121 1.01 -26.82 8.23
CA LEU B 121 2.31 -26.61 8.84
C LEU B 121 2.21 -26.24 10.32
N ASN B 122 3.21 -26.72 11.08
CA ASN B 122 3.27 -26.62 12.52
C ASN B 122 4.59 -26.06 13.05
N HIS B 123 4.54 -25.54 14.28
CA HIS B 123 5.71 -25.05 15.00
C HIS B 123 6.22 -26.17 15.89
N VAL B 124 5.55 -27.36 15.84
CA VAL B 124 5.94 -28.55 16.60
C VAL B 124 7.38 -28.89 16.31
N LEU B 125 8.18 -28.86 17.38
CA LEU B 125 9.61 -29.16 17.42
C LEU B 125 9.77 -30.59 16.95
N THR B 126 10.59 -30.78 15.93
CA THR B 126 10.81 -32.10 15.37
C THR B 126 12.27 -32.51 15.48
N ASN B 127 12.47 -33.82 15.66
CA ASN B 127 13.78 -34.47 15.76
C ASN B 127 14.39 -34.51 14.34
N ASP B 128 13.52 -34.52 13.30
CA ASP B 128 13.89 -34.56 11.88
C ASP B 128 14.75 -33.39 11.44
N LEU B 129 15.86 -33.77 10.84
CA LEU B 129 16.95 -33.04 10.21
C LEU B 129 16.61 -32.27 8.93
N THR B 130 15.97 -32.89 7.90
CA THR B 130 15.75 -32.31 6.56
C THR B 130 14.57 -31.38 6.42
N ALA B 131 14.84 -30.22 5.81
CA ALA B 131 13.81 -29.24 5.49
C ALA B 131 13.75 -28.96 4.00
N LYS B 132 14.91 -28.75 3.33
CA LYS B 132 15.10 -28.42 1.91
C LYS B 132 14.33 -27.10 1.58
N ARG B 133 14.74 -26.01 2.26
CA ARG B 133 14.15 -24.68 2.08
C ARG B 133 15.26 -23.64 1.84
N LEU B 134 14.88 -22.48 1.30
CA LEU B 134 15.81 -21.39 1.04
C LEU B 134 15.38 -20.14 1.80
N LEU B 135 16.32 -19.54 2.54
CA LEU B 135 16.07 -18.35 3.33
C LEU B 135 16.88 -17.17 2.81
N HIS B 136 16.19 -16.07 2.48
CA HIS B 136 16.85 -14.84 2.03
C HIS B 136 17.08 -13.99 3.27
N VAL B 137 18.35 -13.75 3.59
CA VAL B 137 18.73 -12.95 4.77
C VAL B 137 19.02 -11.52 4.34
N LYS B 138 18.25 -10.57 4.90
CA LYS B 138 18.34 -9.15 4.61
C LYS B 138 18.13 -8.33 5.90
N GLY B 139 18.65 -7.11 5.91
CA GLY B 139 18.53 -6.18 7.03
C GLY B 139 19.80 -6.07 7.85
N ARG B 140 20.13 -4.83 8.26
CA ARG B 140 21.30 -4.50 9.06
C ARG B 140 20.92 -4.40 10.53
N ARG B 141 19.94 -3.51 10.85
CA ARG B 141 19.42 -3.29 12.20
C ARG B 141 18.68 -4.53 12.68
N VAL B 142 17.72 -5.01 11.87
CA VAL B 142 16.90 -6.18 12.16
C VAL B 142 17.16 -7.28 11.14
N VAL B 143 17.51 -8.46 11.64
CA VAL B 143 17.78 -9.61 10.79
C VAL B 143 16.47 -10.31 10.46
N ARG B 144 16.11 -10.32 9.18
CA ARG B 144 14.89 -10.95 8.70
C ARG B 144 15.27 -12.03 7.68
N ALA B 145 14.95 -13.28 8.00
CA ALA B 145 15.17 -14.43 7.13
C ALA B 145 13.82 -14.80 6.53
N THR B 146 13.67 -14.60 5.22
CA THR B 146 12.41 -14.86 4.51
C THR B 146 12.50 -16.12 3.66
N GLU B 147 11.51 -17.02 3.81
CA GLU B 147 11.44 -18.24 3.02
C GLU B 147 11.08 -17.87 1.58
N VAL B 148 11.99 -18.19 0.64
CA VAL B 148 11.86 -17.90 -0.78
C VAL B 148 11.91 -19.19 -1.60
N PRO B 149 11.30 -19.25 -2.82
CA PRO B 149 11.35 -20.50 -3.62
C PRO B 149 12.78 -21.03 -3.79
N LEU B 150 12.99 -22.33 -3.52
CA LEU B 150 14.30 -23.00 -3.59
C LEU B 150 14.79 -23.16 -5.06
N SER B 151 15.23 -22.05 -5.67
CA SER B 151 15.77 -21.98 -7.03
C SER B 151 16.63 -20.74 -7.23
N TRP B 152 17.46 -20.73 -8.31
CA TRP B 152 18.36 -19.64 -8.67
C TRP B 152 17.68 -18.29 -8.95
N ASP B 153 16.36 -18.31 -9.22
CA ASP B 153 15.54 -17.12 -9.50
C ASP B 153 15.47 -16.16 -8.31
N SER B 154 15.47 -16.72 -7.08
CA SER B 154 15.41 -15.96 -5.81
C SER B 154 16.72 -15.22 -5.51
N PHE B 155 17.85 -15.77 -6.00
CA PHE B 155 19.20 -15.29 -5.78
C PHE B 155 19.53 -13.94 -6.41
N ASN B 156 20.53 -13.26 -5.80
CA ASN B 156 21.13 -11.99 -6.20
C ASN B 156 22.53 -11.90 -5.60
N LYS B 157 23.48 -11.31 -6.34
CA LYS B 157 24.88 -11.15 -5.96
C LYS B 157 25.11 -10.41 -4.63
N GLY B 158 24.28 -9.40 -4.36
CA GLY B 158 24.42 -8.53 -3.19
C GLY B 158 23.94 -9.00 -1.84
N ASP B 159 23.44 -10.24 -1.73
CA ASP B 159 22.92 -10.75 -0.47
C ASP B 159 23.39 -12.14 -0.08
N CYS B 160 23.05 -12.54 1.15
CA CYS B 160 23.37 -13.85 1.72
C CYS B 160 22.11 -14.70 1.79
N PHE B 161 22.23 -15.97 1.37
CA PHE B 161 21.14 -16.93 1.33
C PHE B 161 21.51 -18.17 2.10
N ILE B 162 20.52 -18.78 2.77
CA ILE B 162 20.76 -19.98 3.56
C ILE B 162 19.98 -21.16 2.99
N ILE B 163 20.72 -22.13 2.44
CA ILE B 163 20.15 -23.35 1.86
C ILE B 163 20.09 -24.39 2.94
N ASP B 164 18.86 -24.68 3.34
CA ASP B 164 18.54 -25.62 4.38
C ASP B 164 18.20 -26.95 3.76
N LEU B 165 19.11 -27.92 3.84
CA LEU B 165 18.85 -29.25 3.27
C LEU B 165 18.68 -30.30 4.35
N GLY B 166 18.66 -29.84 5.59
CA GLY B 166 18.48 -30.72 6.74
C GLY B 166 19.72 -31.04 7.50
N THR B 167 20.30 -32.21 7.21
CA THR B 167 21.54 -32.70 7.83
C THR B 167 22.68 -31.69 7.61
N GLU B 168 22.57 -30.86 6.57
CA GLU B 168 23.56 -29.84 6.28
C GLU B 168 22.92 -28.52 5.85
N ILE B 169 23.42 -27.43 6.45
CA ILE B 169 22.98 -26.06 6.20
C ILE B 169 24.11 -25.35 5.44
N TYR B 170 23.76 -24.71 4.34
CA TYR B 170 24.70 -23.99 3.49
C TYR B 170 24.47 -22.50 3.57
N GLN B 171 25.54 -21.75 3.85
CA GLN B 171 25.46 -20.29 3.89
C GLN B 171 26.11 -19.77 2.62
N TRP B 172 25.26 -19.49 1.62
CA TRP B 172 25.68 -18.98 0.33
C TRP B 172 25.89 -17.47 0.44
N CYS B 173 27.15 -17.04 0.27
CA CYS B 173 27.52 -15.63 0.35
C CYS B 173 27.75 -15.07 -1.05
N GLY B 174 26.99 -14.03 -1.39
CA GLY B 174 27.09 -13.36 -2.68
C GLY B 174 28.42 -12.65 -2.84
N SER B 175 28.92 -12.56 -4.09
CA SER B 175 30.20 -11.93 -4.41
C SER B 175 30.31 -10.45 -4.02
N SER B 176 29.21 -9.71 -4.16
CA SER B 176 29.13 -8.28 -3.87
C SER B 176 28.68 -7.93 -2.43
N CYS B 177 28.58 -8.91 -1.51
CA CYS B 177 28.10 -8.58 -0.18
C CYS B 177 29.21 -8.56 0.90
N ASN B 178 29.12 -7.56 1.77
CA ASN B 178 30.03 -7.20 2.84
C ASN B 178 30.05 -8.16 4.03
N LYS B 179 31.10 -8.02 4.85
CA LYS B 179 31.37 -8.80 6.06
C LYS B 179 30.26 -8.82 7.10
N TYR B 180 29.59 -7.68 7.33
CA TYR B 180 28.52 -7.59 8.29
C TYR B 180 27.32 -8.46 7.91
N GLU B 181 26.96 -8.50 6.60
CA GLU B 181 25.86 -9.33 6.09
C GLU B 181 26.18 -10.80 6.29
N ARG B 182 27.45 -11.17 5.96
CA ARG B 182 27.98 -12.53 6.09
C ARG B 182 27.83 -13.02 7.53
N LEU B 183 28.20 -12.17 8.50
CA LEU B 183 28.11 -12.48 9.92
C LEU B 183 26.65 -12.68 10.34
N LYS B 184 25.75 -11.76 9.92
CA LYS B 184 24.32 -11.82 10.23
C LYS B 184 23.65 -13.08 9.70
N ALA B 185 23.96 -13.47 8.44
CA ALA B 185 23.46 -14.69 7.83
C ALA B 185 24.00 -15.91 8.55
N ASN B 186 25.28 -15.86 9.01
CA ASN B 186 25.90 -16.95 9.76
C ASN B 186 25.12 -17.19 11.05
N GLN B 187 24.77 -16.11 11.79
CA GLN B 187 24.00 -16.16 13.04
C GLN B 187 22.67 -16.91 12.87
N VAL B 188 22.02 -16.71 11.70
CA VAL B 188 20.75 -17.37 11.32
C VAL B 188 21.02 -18.86 11.10
N ALA B 189 22.09 -19.19 10.34
CA ALA B 189 22.49 -20.57 10.03
C ALA B 189 22.89 -21.33 11.30
N THR B 190 23.61 -20.66 12.24
CA THR B 190 24.03 -21.20 13.54
C THR B 190 22.76 -21.43 14.37
N GLY B 191 21.80 -20.52 14.23
CA GLY B 191 20.50 -20.55 14.88
C GLY B 191 19.70 -21.79 14.51
N ILE B 192 19.69 -22.17 13.20
CA ILE B 192 18.97 -23.35 12.71
C ILE B 192 19.60 -24.63 13.27
N ARG B 193 20.92 -24.80 13.07
CA ARG B 193 21.71 -25.94 13.52
C ARG B 193 21.48 -26.19 15.01
N TYR B 194 21.73 -25.18 15.85
CA TYR B 194 21.58 -25.27 17.31
C TYR B 194 20.12 -25.35 17.79
N ASN B 195 19.26 -24.38 17.39
CA ASN B 195 17.86 -24.30 17.83
C ASN B 195 16.92 -25.39 17.31
N GLU B 196 16.77 -25.56 15.99
CA GLU B 196 15.79 -26.54 15.51
C GLU B 196 16.36 -27.90 15.12
N ARG B 197 17.68 -28.01 14.89
CA ARG B 197 18.23 -29.31 14.52
C ARG B 197 19.19 -29.92 15.54
N LYS B 198 19.29 -29.31 16.74
CA LYS B 198 20.03 -29.78 17.91
C LYS B 198 21.56 -30.00 17.73
N GLY B 199 22.20 -29.16 16.93
CA GLY B 199 23.65 -29.22 16.67
C GLY B 199 24.13 -30.43 15.88
N ARG B 200 23.17 -31.29 15.47
CA ARG B 200 23.34 -32.52 14.68
C ARG B 200 23.79 -32.17 13.29
N SER B 201 23.13 -31.16 12.70
CA SER B 201 23.38 -30.65 11.37
C SER B 201 24.77 -30.03 11.25
N GLU B 202 25.29 -29.94 10.02
CA GLU B 202 26.61 -29.38 9.73
C GLU B 202 26.50 -28.10 8.92
N LEU B 203 27.36 -27.14 9.25
CA LEU B 203 27.35 -25.83 8.62
C LEU B 203 28.47 -25.69 7.60
N ILE B 204 28.10 -25.50 6.33
CA ILE B 204 29.05 -25.32 5.24
C ILE B 204 28.86 -23.93 4.64
N VAL B 205 29.92 -23.11 4.66
CA VAL B 205 29.90 -21.78 4.08
C VAL B 205 30.24 -21.94 2.61
N VAL B 206 29.36 -21.44 1.74
CA VAL B 206 29.52 -21.55 0.30
C VAL B 206 29.73 -20.17 -0.33
N GLU B 207 30.70 -20.09 -1.25
CA GLU B 207 31.01 -18.88 -2.01
C GLU B 207 30.42 -19.00 -3.40
N GLU B 208 30.01 -17.86 -3.97
CA GLU B 208 29.48 -17.78 -5.33
C GLU B 208 30.62 -18.13 -6.29
N GLY B 209 30.34 -19.01 -7.25
CA GLY B 209 31.34 -19.49 -8.20
C GLY B 209 32.08 -20.73 -7.72
N SER B 210 31.88 -21.09 -6.43
CA SER B 210 32.52 -22.23 -5.77
C SER B 210 31.52 -23.22 -5.13
N GLU B 211 30.24 -23.22 -5.59
CA GLU B 211 29.18 -24.07 -5.03
C GLU B 211 29.43 -25.57 -5.22
N PRO B 212 29.28 -26.37 -4.12
CA PRO B 212 29.51 -27.82 -4.20
C PRO B 212 28.52 -28.57 -5.09
N SER B 213 28.89 -29.80 -5.48
CA SER B 213 28.10 -30.70 -6.33
C SER B 213 26.70 -30.98 -5.78
N GLU B 214 26.58 -31.09 -4.44
CA GLU B 214 25.29 -31.32 -3.76
C GLU B 214 24.33 -30.16 -3.98
N LEU B 215 24.85 -28.92 -3.99
CA LEU B 215 24.09 -27.69 -4.21
C LEU B 215 23.60 -27.60 -5.65
N ILE B 216 24.46 -27.93 -6.65
CA ILE B 216 24.11 -27.86 -8.08
C ILE B 216 23.11 -28.98 -8.47
N LYS B 217 23.04 -30.09 -7.71
CA LYS B 217 22.09 -31.15 -8.02
C LYS B 217 20.66 -30.73 -7.69
N VAL B 218 20.49 -30.10 -6.52
CA VAL B 218 19.19 -29.63 -6.04
C VAL B 218 18.79 -28.33 -6.74
N LEU B 219 19.69 -27.32 -6.75
CA LEU B 219 19.47 -26.01 -7.38
C LEU B 219 19.55 -26.01 -8.89
N GLY B 220 20.44 -26.83 -9.44
CA GLY B 220 20.69 -26.91 -10.88
C GLY B 220 21.98 -26.19 -11.22
N GLU B 221 22.24 -25.96 -12.51
CA GLU B 221 23.44 -25.23 -12.95
C GLU B 221 23.28 -23.74 -12.60
N LYS B 222 24.40 -23.02 -12.48
CA LYS B 222 24.36 -21.62 -12.07
C LYS B 222 24.47 -20.59 -13.20
N PRO B 223 23.52 -19.63 -13.29
CA PRO B 223 23.60 -18.58 -14.33
C PRO B 223 24.18 -17.27 -13.76
N GLU B 224 24.26 -16.22 -14.60
CA GLU B 224 24.73 -14.90 -14.13
C GLU B 224 23.58 -14.30 -13.34
N LEU B 225 23.86 -13.86 -12.11
CA LEU B 225 22.85 -13.42 -11.16
C LEU B 225 22.58 -11.91 -11.15
N PRO B 226 21.34 -11.48 -10.77
CA PRO B 226 21.06 -10.03 -10.73
C PRO B 226 21.83 -9.33 -9.63
N ASP B 227 22.17 -8.04 -9.84
CA ASP B 227 22.87 -7.24 -8.85
C ASP B 227 21.94 -6.98 -7.66
N GLY B 228 22.50 -7.04 -6.47
CA GLY B 228 21.75 -6.82 -5.22
C GLY B 228 21.16 -5.42 -5.15
N GLY B 229 19.93 -5.34 -4.64
CA GLY B 229 19.22 -4.08 -4.52
C GLY B 229 19.35 -3.47 -3.14
N ASP B 230 19.64 -2.16 -3.07
CA ASP B 230 19.78 -1.42 -1.81
C ASP B 230 18.41 -1.31 -1.13
N ASP B 231 18.32 -1.67 0.16
CA ASP B 231 17.07 -1.61 0.92
C ASP B 231 17.21 -0.76 2.21
N ASP B 232 17.07 0.56 2.04
CA ASP B 232 17.16 1.54 3.12
C ASP B 232 15.85 2.34 3.22
N ASP B 233 14.78 1.69 3.68
CA ASP B 233 13.47 2.34 3.82
C ASP B 233 13.41 3.21 5.08
N ILE B 234 13.96 2.68 6.19
CA ILE B 234 13.95 3.32 7.51
C ILE B 234 15.15 4.29 7.61
N ILE B 235 14.82 5.58 7.52
CA ILE B 235 15.77 6.69 7.62
C ILE B 235 15.07 7.73 8.49
N ALA B 236 15.00 7.48 9.81
CA ALA B 236 14.38 8.42 10.72
C ALA B 236 15.25 9.68 10.71
N ASP B 237 14.72 10.77 10.14
CA ASP B 237 15.44 12.02 9.98
C ASP B 237 15.47 12.83 11.26
N ILE B 238 16.69 13.21 11.67
CA ILE B 238 16.97 13.95 12.88
C ILE B 238 17.00 15.45 12.58
N SER B 239 16.15 16.21 13.29
CA SER B 239 16.01 17.67 13.15
C SER B 239 15.31 18.27 14.37
N ASN B 240 15.14 19.60 14.36
CA ASN B 240 14.44 20.35 15.40
C ASN B 240 12.98 20.60 15.00
N ARG B 241 12.52 19.85 13.99
CA ARG B 241 11.18 19.89 13.47
C ARG B 241 10.24 19.10 14.35
N LYS B 242 9.17 19.76 14.82
CA LYS B 242 8.14 19.19 15.68
C LYS B 242 7.03 18.71 14.75
N MET B 243 7.05 17.39 14.47
CA MET B 243 6.21 16.72 13.48
C MET B 243 5.00 15.97 14.03
N ALA B 244 4.73 16.06 15.34
CA ALA B 244 3.59 15.38 15.95
C ALA B 244 2.39 16.28 16.20
N LYS B 245 1.19 15.69 16.05
CA LYS B 245 -0.10 16.34 16.24
C LYS B 245 -0.93 15.58 17.26
N LEU B 246 -1.73 16.30 18.06
CA LEU B 246 -2.62 15.66 19.03
C LEU B 246 -4.05 15.87 18.57
N TYR B 247 -4.81 14.77 18.49
CA TYR B 247 -6.20 14.78 18.05
C TYR B 247 -7.10 14.13 19.09
N MET B 248 -8.38 14.53 19.13
CA MET B 248 -9.40 13.95 19.99
C MET B 248 -10.43 13.27 19.08
N VAL B 249 -10.86 12.06 19.45
CA VAL B 249 -11.84 11.28 18.68
C VAL B 249 -13.26 11.53 19.20
N SER B 250 -14.24 11.64 18.27
CA SER B 250 -15.65 11.84 18.58
C SER B 250 -16.58 11.06 17.61
N ASP B 251 -16.63 9.73 17.79
CA ASP B 251 -17.44 8.80 17.00
C ASP B 251 -18.63 8.26 17.79
N SER B 255 -19.30 6.62 12.30
CA SER B 255 -18.41 7.55 11.60
C SER B 255 -17.52 8.29 12.61
N MET B 256 -16.20 8.01 12.57
CA MET B 256 -15.26 8.68 13.47
C MET B 256 -14.93 10.08 12.97
N ARG B 257 -15.12 11.07 13.85
CA ARG B 257 -14.85 12.48 13.59
C ARG B 257 -13.71 12.89 14.50
N VAL B 258 -12.60 13.31 13.91
CA VAL B 258 -11.40 13.67 14.64
C VAL B 258 -11.20 15.20 14.65
N THR B 259 -10.91 15.76 15.84
CA THR B 259 -10.71 17.19 16.08
C THR B 259 -9.31 17.42 16.62
N VAL B 260 -8.57 18.39 16.03
CA VAL B 260 -7.20 18.72 16.45
C VAL B 260 -7.20 19.40 17.84
N VAL B 261 -6.26 18.99 18.69
CA VAL B 261 -6.06 19.52 20.05
C VAL B 261 -4.81 20.41 20.04
N ALA B 262 -3.68 19.89 19.50
CA ALA B 262 -2.42 20.64 19.40
C ALA B 262 -1.80 20.46 18.02
N GLU B 263 -1.38 21.60 17.43
CA GLU B 263 -0.78 21.67 16.09
C GLU B 263 0.74 21.43 16.07
N GLU B 264 1.35 21.23 17.25
CA GLU B 264 2.79 21.01 17.37
C GLU B 264 3.15 20.45 18.74
N ASN B 265 4.04 19.46 18.76
CA ASN B 265 4.57 18.89 19.99
C ASN B 265 5.74 19.78 20.45
N PRO B 266 6.16 19.84 21.74
CA PRO B 266 5.69 19.07 22.91
C PRO B 266 4.28 19.44 23.37
N PHE B 267 3.49 18.42 23.69
CA PHE B 267 2.12 18.56 24.16
C PHE B 267 2.13 18.70 25.69
N SER B 268 0.99 19.11 26.24
CA SER B 268 0.81 19.26 27.68
C SER B 268 -0.11 18.12 28.14
N MET B 269 0.24 17.44 29.25
CA MET B 269 -0.50 16.30 29.82
C MET B 269 -1.99 16.61 30.08
N ALA B 270 -2.32 17.88 30.38
CA ALA B 270 -3.68 18.38 30.63
C ALA B 270 -4.59 18.24 29.39
N MET B 271 -3.99 18.25 28.17
CA MET B 271 -4.69 18.07 26.89
C MET B 271 -5.40 16.71 26.83
N LEU B 272 -4.81 15.70 27.50
CA LEU B 272 -5.32 14.35 27.62
C LEU B 272 -6.42 14.34 28.68
N LEU B 273 -7.67 14.09 28.25
CA LEU B 273 -8.83 14.05 29.13
C LEU B 273 -9.33 12.62 29.27
N SER B 274 -9.56 12.18 30.52
CA SER B 274 -10.02 10.84 30.88
C SER B 274 -11.38 10.48 30.25
N GLU B 275 -12.17 11.49 29.88
CA GLU B 275 -13.50 11.37 29.27
C GLU B 275 -13.43 10.96 27.80
N GLU B 276 -12.30 11.23 27.11
CA GLU B 276 -12.16 10.98 25.67
C GLU B 276 -10.98 10.10 25.26
N CYS B 277 -10.97 9.70 23.98
CA CYS B 277 -9.92 8.94 23.32
C CYS B 277 -9.15 9.90 22.41
N PHE B 278 -7.81 9.80 22.43
CA PHE B 278 -6.93 10.68 21.68
C PHE B 278 -6.02 9.96 20.71
N ILE B 279 -5.66 10.64 19.61
CA ILE B 279 -4.73 10.14 18.61
C ILE B 279 -3.49 11.03 18.57
N LEU B 280 -2.33 10.47 18.91
CA LEU B 280 -1.06 11.17 18.81
C LEU B 280 -0.52 10.76 17.45
N ASP B 281 -0.47 11.72 16.52
CA ASP B 281 -0.03 11.46 15.16
C ASP B 281 1.43 11.79 14.92
N HIS B 282 2.24 10.75 14.65
CA HIS B 282 3.64 10.86 14.30
C HIS B 282 3.82 10.01 13.03
N GLY B 283 2.81 10.08 12.16
CA GLY B 283 2.69 9.35 10.90
C GLY B 283 3.90 9.46 10.00
N ALA B 284 4.54 10.64 9.96
CA ALA B 284 5.75 10.92 9.17
C ALA B 284 6.90 9.99 9.59
N ALA B 285 6.97 9.66 10.90
CA ALA B 285 7.98 8.78 11.49
C ALA B 285 7.49 7.32 11.63
N LYS B 286 6.40 6.96 10.90
CA LYS B 286 5.76 5.63 10.85
C LYS B 286 5.01 5.19 12.12
N GLN B 287 4.65 6.12 13.03
CA GLN B 287 3.97 5.71 14.27
C GLN B 287 2.74 6.54 14.64
N ILE B 288 1.65 5.88 15.03
CA ILE B 288 0.44 6.55 15.52
C ILE B 288 0.04 5.92 16.85
N PHE B 289 -0.37 6.74 17.82
CA PHE B 289 -0.75 6.25 19.14
C PHE B 289 -2.19 6.58 19.49
N VAL B 290 -2.94 5.59 20.00
CA VAL B 290 -4.32 5.79 20.44
C VAL B 290 -4.35 5.72 21.95
N TRP B 291 -4.50 6.88 22.60
CA TRP B 291 -4.55 6.99 24.05
C TRP B 291 -6.03 6.94 24.47
N LYS B 292 -6.38 5.99 25.35
CA LYS B 292 -7.75 5.84 25.81
C LYS B 292 -7.91 6.27 27.26
N GLY B 293 -8.78 7.27 27.48
CA GLY B 293 -9.09 7.79 28.80
C GLY B 293 -9.82 6.75 29.63
N LYS B 294 -9.58 6.74 30.95
CA LYS B 294 -10.18 5.79 31.89
C LYS B 294 -11.72 5.90 32.00
N ASP B 295 -12.26 7.12 31.81
CA ASP B 295 -13.70 7.39 31.88
C ASP B 295 -14.32 7.54 30.48
N ALA B 296 -13.53 7.23 29.43
CA ALA B 296 -13.98 7.28 28.04
C ALA B 296 -14.95 6.13 27.79
N ASN B 297 -15.89 6.34 26.84
CA ASN B 297 -16.91 5.37 26.44
C ASN B 297 -16.27 4.00 26.15
N PRO B 298 -16.76 2.90 26.79
CA PRO B 298 -16.14 1.57 26.58
C PRO B 298 -16.17 1.05 25.15
N GLN B 299 -17.26 1.33 24.39
CA GLN B 299 -17.43 0.91 23.00
C GLN B 299 -16.41 1.61 22.10
N GLU B 300 -16.13 2.90 22.38
CA GLU B 300 -15.16 3.73 21.66
C GLU B 300 -13.73 3.26 21.92
N ARG B 301 -13.47 2.74 23.15
CA ARG B 301 -12.17 2.23 23.60
C ARG B 301 -11.82 0.92 22.89
N LYS B 302 -12.79 0.00 22.76
CA LYS B 302 -12.63 -1.30 22.11
C LYS B 302 -12.34 -1.17 20.61
N ALA B 303 -12.90 -0.14 19.98
CA ALA B 303 -12.76 0.15 18.55
C ALA B 303 -11.50 0.98 18.21
N ALA B 304 -10.60 1.20 19.20
CA ALA B 304 -9.36 1.98 19.06
C ALA B 304 -8.48 1.57 17.87
N MET B 305 -8.29 0.25 17.65
CA MET B 305 -7.50 -0.28 16.53
C MET B 305 -8.15 0.09 15.20
N LYS B 306 -9.48 -0.08 15.11
CA LYS B 306 -10.31 0.23 13.94
C LYS B 306 -10.33 1.75 13.67
N THR B 307 -10.39 2.56 14.75
CA THR B 307 -10.38 4.02 14.75
C THR B 307 -9.04 4.52 14.17
N ALA B 308 -7.93 3.88 14.60
CA ALA B 308 -6.55 4.18 14.17
C ALA B 308 -6.32 3.87 12.70
N GLU B 309 -6.83 2.73 12.21
CA GLU B 309 -6.72 2.30 10.81
C GLU B 309 -7.44 3.28 9.90
N GLU B 310 -8.62 3.77 10.35
CA GLU B 310 -9.45 4.76 9.66
C GLU B 310 -8.73 6.10 9.60
N PHE B 311 -7.98 6.44 10.68
CA PHE B 311 -7.20 7.68 10.80
C PHE B 311 -6.10 7.71 9.73
N LEU B 312 -5.38 6.59 9.54
CA LEU B 312 -4.32 6.44 8.53
C LEU B 312 -4.86 6.68 7.14
N GLN B 313 -6.04 6.11 6.85
CA GLN B 313 -6.75 6.22 5.58
C GLN B 313 -7.22 7.66 5.31
N GLN B 314 -7.78 8.33 6.34
CA GLN B 314 -8.26 9.71 6.25
C GLN B 314 -7.11 10.71 6.08
N MET B 315 -5.96 10.45 6.73
CA MET B 315 -4.78 11.32 6.68
C MET B 315 -3.77 10.91 5.59
N ASN B 316 -4.16 9.97 4.71
CA ASN B 316 -3.39 9.43 3.57
C ASN B 316 -1.99 8.89 3.95
N TYR B 317 -1.91 8.25 5.13
CA TYR B 317 -0.69 7.61 5.59
C TYR B 317 -0.63 6.21 5.01
N SER B 318 0.57 5.61 5.04
CA SER B 318 0.75 4.24 4.57
C SER B 318 -0.04 3.31 5.49
N LYS B 319 -0.64 2.27 4.93
CA LYS B 319 -1.41 1.29 5.69
C LYS B 319 -0.49 0.44 6.60
N ASN B 320 0.83 0.57 6.40
CA ASN B 320 1.87 -0.14 7.15
C ASN B 320 2.41 0.67 8.35
N THR B 321 1.77 1.81 8.68
CA THR B 321 2.13 2.67 9.81
C THR B 321 1.89 1.88 11.11
N GLN B 322 2.81 2.01 12.07
CA GLN B 322 2.74 1.31 13.35
C GLN B 322 1.65 1.92 14.23
N ILE B 323 0.77 1.07 14.78
CA ILE B 323 -0.31 1.51 15.66
C ILE B 323 -0.09 0.97 17.06
N GLN B 324 -0.08 1.87 18.05
CA GLN B 324 0.08 1.52 19.46
C GLN B 324 -1.13 2.07 20.22
N VAL B 325 -1.87 1.18 20.90
CA VAL B 325 -3.04 1.55 21.69
C VAL B 325 -2.65 1.52 23.17
N LEU B 326 -2.78 2.69 23.83
CA LEU B 326 -2.40 2.91 25.24
C LEU B 326 -3.56 3.14 26.19
N PRO B 327 -3.64 2.39 27.31
CA PRO B 327 -4.65 2.75 28.33
C PRO B 327 -4.10 3.86 29.22
N GLU B 328 -4.98 4.64 29.87
CA GLU B 328 -4.56 5.71 30.77
C GLU B 328 -3.82 5.07 31.97
N GLY B 329 -2.61 5.54 32.24
CA GLY B 329 -1.76 5.01 33.30
C GLY B 329 -0.81 3.92 32.83
N GLY B 330 -1.00 3.46 31.60
CA GLY B 330 -0.16 2.43 30.99
C GLY B 330 0.62 2.95 29.80
N GLU B 331 0.90 4.26 29.77
CA GLU B 331 1.62 4.95 28.70
C GLU B 331 3.07 4.49 28.57
N THR B 332 3.55 4.40 27.32
CA THR B 332 4.90 3.95 26.96
C THR B 332 5.90 5.11 27.07
N PRO B 333 7.24 4.84 27.24
CA PRO B 333 8.21 5.95 27.32
C PRO B 333 8.27 6.79 26.04
N ILE B 334 8.00 6.15 24.87
CA ILE B 334 7.96 6.80 23.56
C ILE B 334 6.78 7.78 23.46
N PHE B 335 5.61 7.41 24.02
CA PHE B 335 4.41 8.25 24.03
C PHE B 335 4.57 9.43 24.99
N LYS B 336 5.06 9.15 26.22
CA LYS B 336 5.28 10.13 27.29
C LYS B 336 6.25 11.24 26.90
N GLN B 337 7.31 10.92 26.13
CA GLN B 337 8.35 11.88 25.74
C GLN B 337 7.88 12.96 24.75
N PHE B 338 6.62 12.87 24.24
CA PHE B 338 6.02 13.89 23.37
C PHE B 338 5.44 15.01 24.25
N PHE B 339 5.58 14.86 25.57
CA PHE B 339 5.04 15.79 26.57
C PHE B 339 6.14 16.47 27.36
N LYS B 340 6.04 17.80 27.46
CA LYS B 340 6.96 18.68 28.17
C LYS B 340 6.80 18.58 29.70
N ASP B 341 5.56 18.37 30.16
CA ASP B 341 5.16 18.34 31.56
C ASP B 341 4.62 16.98 32.06
N TRP B 342 5.17 15.84 31.57
CA TRP B 342 4.67 14.54 32.01
C TRP B 342 4.91 14.27 33.48
N ARG B 343 3.82 13.95 34.19
CA ARG B 343 3.79 13.68 35.61
C ARG B 343 3.08 12.37 35.89
N ASP B 344 3.75 11.47 36.62
CA ASP B 344 3.19 10.17 36.95
C ASP B 344 2.49 10.16 38.29
#